data_4XHF
#
_entry.id   4XHF
#
_cell.length_a   70.914
_cell.length_b   93.476
_cell.length_c   71.139
_cell.angle_alpha   90.000
_cell.angle_beta   100.240
_cell.angle_gamma   90.000
#
_symmetry.space_group_name_H-M   'P 1 21 1'
#
loop_
_entity.id
_entity.type
_entity.pdbx_description
1 polymer 'Na-translocating NADH-quinone reductase subunit C NqrC'
2 non-polymer 'FLAVIN MONONUCLEOTIDE'
3 non-polymer 'SODIUM ION'
4 water water
#
_entity_poly.entity_id   1
_entity_poly.type   'polypeptide(L)'
_entity_poly.pdbx_seq_one_letter_code
;MSYYHHHHHHDYDIPTTENLYFQGAMGSLKERKLAKKRDELQRYVLMAADVNLGQGNEFRDIFAKSVKPLLINLDTGKVD
SDANVLDFDERMAAINPETSSTPKKDIAKIKTRANDARVFKVFDDSGKLSSVVVPFYGKGLWSMIYGYVAVEPDFNTIKG
VVVYEHGETPGIGDFVTDPHWLSLWKGKQLFDDKGKFAMRLVKGGVKEGDIHGVDAVSGATMTGRGVQRAMEFWFGVEGF
QTFFNQLKASADQGELGGAK
;
_entity_poly.pdbx_strand_id   A,B,C,D
#
# COMPACT_ATOMS: atom_id res chain seq x y z
N SER A 28 -9.09 30.63 18.04
CA SER A 28 -8.84 30.71 16.57
C SER A 28 -7.36 30.86 16.28
N LEU A 29 -6.69 31.68 17.10
CA LEU A 29 -5.23 31.76 17.07
C LEU A 29 -4.68 30.38 17.41
N LYS A 30 -5.43 29.67 18.24
CA LYS A 30 -5.14 28.29 18.59
C LYS A 30 -5.18 27.38 17.35
N GLU A 31 -6.22 27.55 16.53
CA GLU A 31 -6.40 26.73 15.34
C GLU A 31 -5.26 26.90 14.35
N ARG A 32 -4.90 28.16 14.08
CA ARG A 32 -3.82 28.44 13.13
C ARG A 32 -2.51 27.81 13.60
N LYS A 33 -2.26 27.92 14.89
CA LYS A 33 -1.05 27.35 15.48
C LYS A 33 -1.05 25.83 15.34
N LEU A 34 -2.15 25.20 15.74
CA LEU A 34 -2.29 23.75 15.61
C LEU A 34 -2.21 23.32 14.16
N ALA A 35 -2.84 24.10 13.28
CA ALA A 35 -2.81 23.82 11.86
C ALA A 35 -1.39 23.87 11.32
N LYS A 36 -0.61 24.82 11.83
CA LYS A 36 0.77 25.00 11.40
C LYS A 36 1.64 23.83 11.86
N LYS A 37 1.45 23.41 13.10
CA LYS A 37 2.24 22.33 13.67
C LYS A 37 1.86 20.97 13.08
N ARG A 38 0.60 20.82 12.70
CA ARG A 38 0.14 19.58 12.10
C ARG A 38 0.74 19.41 10.71
N ASP A 39 0.90 20.51 9.99
CA ASP A 39 1.51 20.48 8.67
C ASP A 39 2.99 20.09 8.76
N GLU A 40 3.70 20.72 9.70
CA GLU A 40 5.10 20.40 9.94
C GLU A 40 5.23 18.94 10.36
N LEU A 41 4.34 18.51 11.24
CA LEU A 41 4.32 17.13 11.71
C LEU A 41 4.18 16.15 10.55
N GLN A 42 3.20 16.38 9.69
CA GLN A 42 2.95 15.52 8.54
C GLN A 42 4.17 15.45 7.63
N ARG A 43 4.83 16.59 7.43
CA ARG A 43 6.01 16.64 6.58
C ARG A 43 7.15 15.86 7.22
N TYR A 44 7.36 16.06 8.52
CA TYR A 44 8.42 15.35 9.26
C TYR A 44 8.28 13.84 9.11
N VAL A 45 7.05 13.36 9.30
CA VAL A 45 6.79 11.93 9.29
C VAL A 45 7.05 11.34 7.90
N LEU A 46 6.57 12.01 6.87
CA LEU A 46 6.76 11.54 5.51
C LEU A 46 8.23 11.59 5.12
N MET A 47 8.92 12.64 5.55
CA MET A 47 10.34 12.79 5.27
C MET A 47 11.14 11.67 5.92
N ALA A 48 10.78 11.33 7.15
CA ALA A 48 11.44 10.25 7.87
C ALA A 48 11.17 8.90 7.21
N ALA A 49 9.95 8.72 6.73
CA ALA A 49 9.53 7.46 6.12
C ALA A 49 9.98 7.34 4.67
N ASP A 50 10.62 8.39 4.16
CA ASP A 50 11.11 8.42 2.79
C ASP A 50 9.96 8.27 1.80
N VAL A 51 8.86 8.99 2.07
CA VAL A 51 7.73 9.09 1.15
C VAL A 51 7.77 10.45 0.46
N ASN A 52 7.53 10.48 -0.85
CA ASN A 52 7.52 11.72 -1.59
C ASN A 52 6.39 12.62 -1.12
N LEU A 53 6.72 13.88 -0.78
CA LEU A 53 5.74 14.81 -0.25
C LEU A 53 4.83 15.40 -1.35
N GLY A 54 5.17 15.14 -2.60
CA GLY A 54 4.42 15.69 -3.71
C GLY A 54 4.64 17.18 -3.84
N GLN A 55 3.84 17.82 -4.70
CA GLN A 55 3.93 19.26 -4.90
C GLN A 55 2.78 19.98 -4.21
N GLY A 56 3.02 21.23 -3.82
CA GLY A 56 2.01 22.03 -3.15
C GLY A 56 1.61 21.45 -1.81
N ASN A 57 0.30 21.36 -1.57
CA ASN A 57 -0.24 20.84 -0.32
C ASN A 57 -0.62 19.37 -0.45
N GLU A 58 -0.13 18.71 -1.49
CA GLU A 58 -0.43 17.30 -1.74
C GLU A 58 0.04 16.42 -0.58
N PHE A 59 1.00 16.91 0.21
CA PHE A 59 1.54 16.13 1.31
C PHE A 59 0.46 15.78 2.33
N ARG A 60 -0.55 16.64 2.45
CA ARG A 60 -1.67 16.40 3.35
C ARG A 60 -2.47 15.19 2.88
N ASP A 61 -2.72 15.12 1.57
CA ASP A 61 -3.48 14.03 0.99
C ASP A 61 -2.68 12.73 1.04
N ILE A 62 -1.38 12.84 0.81
CA ILE A 62 -0.48 11.69 0.84
C ILE A 62 -0.42 11.11 2.25
N PHE A 63 -0.31 12.00 3.23
CA PHE A 63 -0.28 11.60 4.64
C PHE A 63 -1.58 10.89 5.01
N ALA A 64 -2.70 11.50 4.66
CA ALA A 64 -4.02 10.99 5.03
C ALA A 64 -4.26 9.59 4.49
N LYS A 65 -3.69 9.30 3.33
CA LYS A 65 -3.92 8.01 2.67
C LYS A 65 -2.93 6.94 3.14
N SER A 66 -1.68 7.33 3.30
CA SER A 66 -0.60 6.36 3.52
C SER A 66 -0.11 6.26 4.96
N VAL A 67 -0.68 7.05 5.86
CA VAL A 67 -0.23 7.06 7.26
C VAL A 67 -1.40 6.88 8.22
N LYS A 68 -1.17 6.05 9.24
CA LYS A 68 -2.14 5.80 10.30
C LYS A 68 -1.56 6.24 11.64
N PRO A 69 -1.94 7.42 12.12
CA PRO A 69 -1.46 7.86 13.45
C PRO A 69 -2.03 7.00 14.56
N LEU A 70 -1.22 6.72 15.57
CA LEU A 70 -1.61 5.87 16.69
C LEU A 70 -1.10 6.43 18.00
N LEU A 71 -1.95 6.40 19.01
CA LEU A 71 -1.52 6.67 20.37
C LEU A 71 -1.41 5.33 21.07
N ILE A 72 -0.21 5.00 21.55
CA ILE A 72 0.04 3.69 22.15
C ILE A 72 0.54 3.83 23.58
N ASN A 73 0.16 2.87 24.42
CA ASN A 73 0.65 2.79 25.78
C ASN A 73 2.05 2.18 25.78
N LEU A 74 3.02 2.96 26.24
CA LEU A 74 4.42 2.55 26.17
C LEU A 74 4.71 1.31 27.01
N ASP A 75 4.06 1.19 28.16
CA ASP A 75 4.31 0.07 29.06
C ASP A 75 3.73 -1.24 28.53
N THR A 76 2.54 -1.17 27.96
CA THR A 76 1.83 -2.38 27.51
C THR A 76 1.97 -2.61 26.01
N GLY A 77 2.17 -1.54 25.25
CA GLY A 77 2.23 -1.62 23.81
C GLY A 77 0.85 -1.58 23.17
N LYS A 78 -0.18 -1.44 23.99
CA LYS A 78 -1.56 -1.39 23.51
C LYS A 78 -1.88 -0.03 22.90
N VAL A 79 -2.80 -0.02 21.95
CA VAL A 79 -3.26 1.22 21.33
C VAL A 79 -4.27 1.91 22.25
N ASP A 80 -4.00 3.17 22.55
CA ASP A 80 -4.94 3.99 23.32
C ASP A 80 -5.72 4.93 22.41
N SER A 81 -6.88 5.37 22.88
CA SER A 81 -7.82 6.14 22.08
C SER A 81 -7.68 7.64 22.32
N ASP A 82 -7.78 8.42 21.25
CA ASP A 82 -7.81 9.87 21.35
C ASP A 82 -8.60 10.45 20.19
N ALA A 83 -9.42 11.45 20.47
CA ALA A 83 -10.30 12.04 19.47
C ALA A 83 -9.52 12.76 18.38
N ASN A 84 -8.40 13.37 18.77
CA ASN A 84 -7.54 14.11 17.83
C ASN A 84 -6.07 13.76 18.03
N VAL A 85 -5.67 12.61 17.52
CA VAL A 85 -4.32 12.08 17.70
C VAL A 85 -3.26 13.05 17.18
N LEU A 86 -3.55 13.70 16.05
CA LEU A 86 -2.56 14.59 15.43
C LEU A 86 -2.32 15.84 16.25
N ASP A 87 -3.30 16.23 17.07
CA ASP A 87 -3.19 17.42 17.91
C ASP A 87 -2.72 17.07 19.32
N PHE A 88 -2.44 15.79 19.55
CA PHE A 88 -1.97 15.33 20.85
C PHE A 88 -0.67 16.05 21.24
N ASP A 89 -0.67 16.65 22.42
CA ASP A 89 0.50 17.38 22.93
C ASP A 89 1.38 16.47 23.78
N GLU A 90 2.49 16.02 23.20
CA GLU A 90 3.37 15.07 23.88
C GLU A 90 4.26 15.75 24.90
N ARG A 91 4.53 17.04 24.70
CA ARG A 91 5.31 17.80 25.67
C ARG A 91 4.53 17.90 26.97
N MET A 92 3.23 18.17 26.84
CA MET A 92 2.35 18.35 27.99
C MET A 92 2.10 17.01 28.69
N ALA A 93 1.91 15.97 27.89
CA ALA A 93 1.62 14.64 28.43
C ALA A 93 2.77 14.10 29.27
N ALA A 94 3.99 14.53 28.92
CA ALA A 94 5.19 14.03 29.58
C ALA A 94 5.37 14.62 30.98
N ILE A 95 4.79 15.79 31.24
CA ILE A 95 4.99 16.48 32.51
C ILE A 95 3.78 16.42 33.44
N ASN A 96 2.63 16.00 32.91
CA ASN A 96 1.44 15.84 33.75
C ASN A 96 1.59 14.63 34.66
N PRO A 97 1.53 14.84 35.99
CA PRO A 97 1.74 13.72 36.94
C PRO A 97 0.79 12.54 36.76
N GLU A 98 -0.38 12.79 36.17
CA GLU A 98 -1.40 11.76 36.03
C GLU A 98 -1.32 11.01 34.71
N THR A 99 -0.36 11.40 33.87
CA THR A 99 -0.16 10.74 32.58
C THR A 99 1.33 10.62 32.28
N SER A 100 2.14 10.55 33.33
CA SER A 100 3.60 10.45 33.18
C SER A 100 4.22 9.72 34.36
N SER A 101 5.49 9.36 34.22
CA SER A 101 6.23 8.69 35.27
C SER A 101 7.72 9.00 35.13
N THR A 102 8.50 8.64 36.15
CA THR A 102 9.94 8.84 36.14
C THR A 102 10.63 7.57 35.66
N PRO A 103 11.49 7.68 34.62
CA PRO A 103 12.15 6.47 34.13
C PRO A 103 13.06 5.84 35.18
N LYS A 104 13.23 4.52 35.11
CA LYS A 104 14.17 3.84 36.01
C LYS A 104 15.60 4.17 35.60
N LYS A 105 15.93 3.91 34.33
CA LYS A 105 17.24 4.23 33.78
C LYS A 105 17.08 5.39 32.80
N ASP A 106 17.21 6.61 33.30
CA ASP A 106 16.99 7.81 32.51
C ASP A 106 18.21 8.15 31.64
N ILE A 107 18.47 7.31 30.65
CA ILE A 107 19.63 7.43 29.78
C ILE A 107 19.65 8.76 29.02
N ALA A 108 18.47 9.20 28.59
CA ALA A 108 18.34 10.40 27.78
C ALA A 108 18.15 11.65 28.63
N LYS A 109 18.15 11.48 29.94
CA LYS A 109 18.04 12.61 30.88
C LYS A 109 16.78 13.44 30.61
N ILE A 110 15.65 12.76 30.46
CA ILE A 110 14.38 13.43 30.20
C ILE A 110 13.58 13.64 31.49
N LYS A 111 14.08 13.08 32.59
CA LYS A 111 13.52 13.28 33.93
C LYS A 111 12.13 12.69 34.10
N THR A 112 11.24 12.91 33.14
CA THR A 112 9.89 12.36 33.20
C THR A 112 9.48 11.85 31.83
N ARG A 113 8.65 10.81 31.81
CA ARG A 113 8.21 10.19 30.56
C ARG A 113 6.70 10.05 30.52
N ALA A 114 6.10 10.44 29.41
CA ALA A 114 4.67 10.26 29.21
C ALA A 114 4.33 8.78 29.21
N ASN A 115 3.09 8.44 29.58
CA ASN A 115 2.64 7.06 29.57
C ASN A 115 2.35 6.60 28.15
N ASP A 116 1.84 7.52 27.33
CA ASP A 116 1.48 7.23 25.95
C ASP A 116 2.38 7.99 24.97
N ALA A 117 2.66 7.37 23.83
CA ALA A 117 3.41 8.00 22.76
C ALA A 117 2.61 7.95 21.46
N ARG A 118 2.74 8.99 20.65
CA ARG A 118 2.13 9.01 19.33
C ARG A 118 3.08 8.44 18.31
N VAL A 119 2.63 7.42 17.59
CA VAL A 119 3.44 6.76 16.57
C VAL A 119 2.67 6.75 15.25
N PHE A 120 3.39 6.46 14.16
CA PHE A 120 2.81 6.47 12.83
C PHE A 120 3.19 5.23 12.04
N LYS A 121 2.18 4.48 11.59
CA LYS A 121 2.41 3.38 10.65
C LYS A 121 2.34 3.95 9.24
N VAL A 122 3.33 3.63 8.41
CA VAL A 122 3.41 4.15 7.04
C VAL A 122 3.31 3.01 6.04
N PHE A 123 2.45 3.18 5.04
CA PHE A 123 2.21 2.16 4.03
C PHE A 123 2.59 2.66 2.64
N ASP A 124 3.12 1.75 1.81
CA ASP A 124 3.42 2.09 0.43
C ASP A 124 2.13 2.08 -0.39
N ASP A 125 2.24 2.36 -1.68
CA ASP A 125 1.08 2.38 -2.56
C ASP A 125 0.42 1.00 -2.64
N SER A 126 1.19 -0.04 -2.38
CA SER A 126 0.67 -1.40 -2.42
C SER A 126 -0.15 -1.73 -1.17
N GLY A 127 -0.11 -0.85 -0.18
CA GLY A 127 -0.85 -1.04 1.05
C GLY A 127 -0.10 -1.86 2.09
N LYS A 128 1.13 -2.22 1.77
CA LYS A 128 2.00 -2.98 2.67
C LYS A 128 2.73 -2.02 3.60
N LEU A 129 2.93 -2.45 4.85
CA LEU A 129 3.64 -1.64 5.84
C LEU A 129 5.04 -1.30 5.34
N SER A 130 5.32 0.00 5.27
CA SER A 130 6.59 0.50 4.75
C SER A 130 7.56 0.81 5.89
N SER A 131 7.04 1.45 6.93
CA SER A 131 7.85 1.76 8.10
C SER A 131 6.94 2.20 9.25
N VAL A 132 7.53 2.28 10.44
CA VAL A 132 6.86 2.85 11.59
C VAL A 132 7.71 4.02 12.09
N VAL A 133 7.12 5.20 12.10
CA VAL A 133 7.81 6.40 12.54
C VAL A 133 7.45 6.68 14.00
N VAL A 134 8.48 6.80 14.84
CA VAL A 134 8.29 7.05 16.26
C VAL A 134 9.05 8.30 16.70
N PRO A 135 8.49 9.04 17.67
CA PRO A 135 9.20 10.20 18.22
C PRO A 135 10.30 9.81 19.20
N PHE A 136 11.40 10.54 19.17
CA PHE A 136 12.45 10.34 20.15
C PHE A 136 13.00 11.70 20.53
N TYR A 137 13.48 11.81 21.76
CA TYR A 137 14.13 13.03 22.20
C TYR A 137 14.99 12.75 23.41
N GLY A 138 15.95 13.63 23.66
CA GLY A 138 16.89 13.46 24.76
C GLY A 138 17.80 14.66 24.87
N LYS A 139 18.43 14.81 26.03
CA LYS A 139 19.33 15.93 26.25
C LYS A 139 20.62 15.72 25.47
N GLY A 140 21.02 16.74 24.70
CA GLY A 140 22.32 16.75 24.06
C GLY A 140 23.38 17.14 25.06
N LEU A 141 24.07 18.23 24.79
CA LEU A 141 25.07 18.76 25.71
C LEU A 141 24.46 19.88 26.57
N TRP A 142 23.62 20.69 25.97
CA TRP A 142 23.08 21.87 26.64
C TRP A 142 21.56 21.98 26.56
N SER A 143 20.94 21.15 25.71
CA SER A 143 19.52 21.29 25.45
C SER A 143 18.86 19.97 25.07
N MET A 144 17.53 20.00 25.05
CA MET A 144 16.74 18.87 24.58
C MET A 144 16.69 18.87 23.07
N ILE A 145 16.86 17.69 22.49
CA ILE A 145 16.81 17.52 21.04
C ILE A 145 15.63 16.61 20.70
N TYR A 146 14.78 17.08 19.79
CA TYR A 146 13.57 16.36 19.39
C TYR A 146 13.61 15.95 17.92
N GLY A 147 13.08 14.76 17.64
CA GLY A 147 13.04 14.28 16.27
C GLY A 147 12.17 13.04 16.10
N TYR A 148 12.29 12.43 14.92
CA TYR A 148 11.57 11.20 14.60
C TYR A 148 12.50 10.21 13.93
N VAL A 149 12.29 8.93 14.21
CA VAL A 149 13.01 7.84 13.54
C VAL A 149 12.03 6.89 12.87
N ALA A 150 12.21 6.69 11.57
CA ALA A 150 11.43 5.72 10.82
C ALA A 150 12.20 4.42 10.74
N VAL A 151 11.56 3.33 11.16
CA VAL A 151 12.20 2.02 11.15
C VAL A 151 11.43 1.08 10.21
N GLU A 152 12.15 0.21 9.53
CA GLU A 152 11.54 -0.76 8.62
C GLU A 152 10.79 -1.82 9.45
N PRO A 153 9.91 -2.61 8.79
CA PRO A 153 9.10 -3.61 9.48
C PRO A 153 9.89 -4.68 10.23
N ASP A 154 11.21 -4.76 10.04
CA ASP A 154 12.03 -5.64 10.89
C ASP A 154 12.29 -4.95 12.23
N PHE A 155 11.93 -3.68 12.31
CA PHE A 155 12.05 -2.89 13.53
C PHE A 155 13.51 -2.83 13.99
N ASN A 156 14.40 -2.71 13.01
CA ASN A 156 15.83 -2.64 13.27
C ASN A 156 16.50 -1.69 12.28
N THR A 157 16.23 -1.89 10.99
CA THR A 157 16.80 -1.05 9.94
C THR A 157 16.14 0.32 9.92
N ILE A 158 16.96 1.36 9.98
CA ILE A 158 16.46 2.73 9.97
C ILE A 158 16.10 3.18 8.56
N LYS A 159 14.88 3.69 8.40
CA LYS A 159 14.40 4.18 7.11
C LYS A 159 14.64 5.68 6.97
N GLY A 160 14.89 6.35 8.09
CA GLY A 160 15.18 7.77 8.08
C GLY A 160 15.11 8.40 9.45
N VAL A 161 15.97 9.41 9.66
CA VAL A 161 15.98 10.17 10.90
C VAL A 161 15.75 11.65 10.60
N VAL A 162 14.87 12.28 11.36
CA VAL A 162 14.57 13.69 11.22
C VAL A 162 14.62 14.37 12.58
N VAL A 163 15.55 15.30 12.75
CA VAL A 163 15.61 16.13 13.94
C VAL A 163 15.09 17.51 13.57
N TYR A 164 14.15 18.03 14.36
CA TYR A 164 13.45 19.27 14.03
C TYR A 164 13.56 20.36 15.09
N GLU A 165 14.13 20.02 16.25
CA GLU A 165 14.27 21.01 17.32
C GLU A 165 15.48 20.72 18.21
N HIS A 166 16.17 21.79 18.61
CA HIS A 166 17.32 21.67 19.49
C HIS A 166 17.70 23.05 20.03
N GLY A 167 18.62 23.06 20.99
CA GLY A 167 19.14 24.30 21.54
C GLY A 167 20.65 24.25 21.68
N GLU A 168 21.27 23.36 20.92
CA GLU A 168 22.72 23.20 20.93
C GLU A 168 23.40 24.40 20.26
N THR A 169 24.66 24.62 20.61
CA THR A 169 25.41 25.77 20.12
C THR A 169 25.46 25.80 18.60
N PRO A 170 25.00 26.91 17.97
CA PRO A 170 25.11 27.00 16.51
C PRO A 170 26.57 27.00 16.05
N GLY A 171 26.85 26.28 14.97
CA GLY A 171 28.20 26.17 14.46
C GLY A 171 28.93 24.96 15.01
N ILE A 172 28.39 24.41 16.11
CA ILE A 172 28.94 23.21 16.72
C ILE A 172 27.90 22.08 16.75
N GLY A 173 26.93 22.20 17.65
CA GLY A 173 25.96 21.14 17.88
C GLY A 173 24.70 21.21 17.04
N ASP A 174 24.63 22.19 16.14
CA ASP A 174 23.43 22.38 15.33
C ASP A 174 23.47 21.54 14.05
N PHE A 175 24.42 20.63 13.97
CA PHE A 175 24.51 19.72 12.83
C PHE A 175 23.34 18.75 12.80
N VAL A 176 22.74 18.53 13.96
CA VAL A 176 21.69 17.52 14.11
C VAL A 176 20.51 17.75 13.15
N THR A 177 20.28 19.00 12.77
CA THR A 177 19.20 19.34 11.86
C THR A 177 19.65 19.38 10.40
N ASP A 178 20.94 19.20 10.17
CA ASP A 178 21.51 19.20 8.82
C ASP A 178 21.15 17.90 8.09
N PRO A 179 20.38 18.00 6.99
CA PRO A 179 20.01 16.80 6.22
C PRO A 179 21.21 15.99 5.74
N HIS A 180 22.33 16.66 5.49
CA HIS A 180 23.53 15.97 5.05
C HIS A 180 23.97 14.93 6.07
N TRP A 181 23.81 15.28 7.36
CA TRP A 181 24.21 14.39 8.44
C TRP A 181 23.12 13.37 8.75
N LEU A 182 21.87 13.82 8.73
CA LEU A 182 20.74 12.95 9.03
C LEU A 182 20.62 11.81 8.02
N SER A 183 21.04 12.06 6.78
CA SER A 183 20.94 11.07 5.72
C SER A 183 21.86 9.88 5.97
N LEU A 184 22.86 10.08 6.82
CA LEU A 184 23.82 9.04 7.14
C LEU A 184 23.19 7.87 7.88
N TRP A 185 22.09 8.15 8.57
CA TRP A 185 21.43 7.13 9.40
C TRP A 185 20.66 6.12 8.55
N LYS A 186 20.30 6.51 7.33
CA LYS A 186 19.53 5.65 6.44
C LYS A 186 20.24 4.33 6.19
N GLY A 187 19.57 3.23 6.52
CA GLY A 187 20.11 1.89 6.25
C GLY A 187 20.81 1.28 7.44
N LYS A 188 21.12 2.11 8.43
CA LYS A 188 21.78 1.62 9.64
C LYS A 188 20.81 0.79 10.48
N GLN A 189 21.35 -0.02 11.39
CA GLN A 189 20.53 -0.91 12.21
C GLN A 189 20.73 -0.66 13.70
N LEU A 190 19.61 -0.55 14.42
CA LEU A 190 19.63 -0.20 15.83
C LEU A 190 20.22 -1.29 16.73
N PHE A 191 19.90 -2.54 16.42
CA PHE A 191 20.24 -3.66 17.30
C PHE A 191 21.17 -4.68 16.65
N ASP A 192 21.89 -5.43 17.48
CA ASP A 192 22.71 -6.54 17.01
C ASP A 192 21.90 -7.84 17.02
N ASP A 193 22.57 -8.97 16.81
CA ASP A 193 21.90 -10.26 16.77
C ASP A 193 21.49 -10.73 18.17
N LYS A 194 22.08 -10.13 19.20
CA LYS A 194 21.67 -10.41 20.58
C LYS A 194 20.49 -9.54 20.99
N GLY A 195 19.96 -8.77 20.03
CA GLY A 195 18.84 -7.87 20.30
C GLY A 195 19.22 -6.66 21.12
N LYS A 196 20.52 -6.44 21.28
CA LYS A 196 21.03 -5.33 22.08
C LYS A 196 21.28 -4.11 21.20
N PHE A 197 20.89 -2.94 21.71
CA PHE A 197 21.14 -1.68 21.03
C PHE A 197 22.63 -1.54 20.73
N ALA A 198 22.96 -1.19 19.49
CA ALA A 198 24.34 -1.28 19.02
C ALA A 198 24.85 -0.01 18.32
N MET A 199 23.96 0.94 18.07
CA MET A 199 24.36 2.17 17.36
C MET A 199 25.40 2.96 18.16
N ARG A 200 26.50 3.31 17.49
CA ARG A 200 27.56 4.10 18.09
C ARG A 200 28.02 5.17 17.09
N LEU A 201 28.16 6.40 17.57
CA LEU A 201 28.74 7.46 16.73
C LEU A 201 30.25 7.33 16.71
N VAL A 202 30.82 7.33 15.51
CA VAL A 202 32.23 7.00 15.30
C VAL A 202 33.00 8.19 14.74
N LYS A 203 34.21 8.39 15.26
CA LYS A 203 35.06 9.48 14.81
C LYS A 203 36.05 9.01 13.76
N GLY A 204 36.36 7.72 13.77
CA GLY A 204 37.37 7.16 12.90
C GLY A 204 37.04 7.20 11.42
N GLY A 205 35.83 7.64 11.08
CA GLY A 205 35.37 7.63 9.70
C GLY A 205 34.67 6.31 9.40
N VAL A 206 33.37 6.39 9.16
CA VAL A 206 32.54 5.20 9.06
C VAL A 206 32.54 4.62 7.65
N LYS A 207 32.70 3.31 7.57
CA LYS A 207 32.70 2.58 6.31
C LYS A 207 31.31 2.04 6.01
N GLU A 208 31.05 1.76 4.74
CA GLU A 208 29.72 1.31 4.30
C GLU A 208 29.25 0.06 5.03
N GLY A 209 30.19 -0.81 5.37
CA GLY A 209 29.87 -2.08 6.02
C GLY A 209 29.62 -1.96 7.51
N ASP A 210 29.91 -0.79 8.08
CA ASP A 210 29.68 -0.55 9.50
C ASP A 210 28.24 -0.16 9.74
N ILE A 211 27.37 -1.15 9.88
CA ILE A 211 25.93 -0.90 9.87
C ILE A 211 25.40 -0.36 11.21
N HIS A 212 26.27 -0.33 12.22
CA HIS A 212 25.91 0.23 13.53
C HIS A 212 26.63 1.55 13.80
N GLY A 213 27.29 2.08 12.77
CA GLY A 213 28.09 3.28 12.93
C GLY A 213 27.53 4.49 12.19
N VAL A 214 27.66 5.66 12.82
CA VAL A 214 27.29 6.93 12.19
C VAL A 214 28.40 7.94 12.43
N ASP A 215 28.73 8.72 11.41
CA ASP A 215 29.81 9.69 11.52
C ASP A 215 29.54 10.72 12.61
N ALA A 216 30.45 10.80 13.57
CA ALA A 216 30.44 11.88 14.54
C ALA A 216 30.90 13.16 13.84
N VAL A 217 30.35 14.29 14.27
CA VAL A 217 30.78 15.58 13.76
C VAL A 217 31.88 16.13 14.66
N SER A 218 33.11 16.04 14.20
CA SER A 218 34.28 16.43 15.00
C SER A 218 34.11 17.85 15.53
N GLY A 219 34.48 18.05 16.78
CA GLY A 219 34.29 19.34 17.45
C GLY A 219 32.92 19.44 18.10
N ALA A 220 32.05 18.47 17.80
CA ALA A 220 30.71 18.44 18.35
C ALA A 220 30.32 17.00 18.70
N THR A 221 31.18 16.33 19.46
CA THR A 221 30.98 14.92 19.79
C THR A 221 29.93 14.73 20.87
N MET A 222 29.87 15.65 21.83
CA MET A 222 28.98 15.50 22.98
C MET A 222 27.51 15.55 22.57
N THR A 223 27.20 16.39 21.59
CA THR A 223 25.84 16.46 21.05
C THR A 223 25.48 15.12 20.43
N GLY A 224 26.40 14.56 19.65
CA GLY A 224 26.16 13.30 18.96
C GLY A 224 25.89 12.16 19.90
N ARG A 225 26.63 12.12 21.01
CA ARG A 225 26.45 11.07 22.01
C ARG A 225 25.09 11.20 22.67
N GLY A 226 24.57 12.42 22.72
CA GLY A 226 23.25 12.66 23.26
C GLY A 226 22.18 12.03 22.39
N VAL A 227 22.29 12.27 21.08
CA VAL A 227 21.37 11.68 20.11
C VAL A 227 21.45 10.16 20.20
N GLN A 228 22.67 9.67 20.37
CA GLN A 228 22.92 8.24 20.51
C GLN A 228 22.18 7.70 21.73
N ARG A 229 22.29 8.41 22.84
CA ARG A 229 21.64 8.01 24.08
C ARG A 229 20.12 8.18 23.99
N ALA A 230 19.69 9.15 23.21
CA ALA A 230 18.26 9.39 23.01
C ALA A 230 17.62 8.18 22.35
N MET A 231 18.27 7.66 21.30
CA MET A 231 17.77 6.48 20.62
C MET A 231 17.92 5.24 21.49
N GLU A 232 18.99 5.18 22.28
CA GLU A 232 19.22 4.05 23.16
C GLU A 232 18.07 3.87 24.15
N PHE A 233 17.56 4.99 24.66
CA PHE A 233 16.45 4.96 25.61
C PHE A 233 15.13 4.62 24.92
N TRP A 234 14.84 5.30 23.83
CA TRP A 234 13.53 5.21 23.21
C TRP A 234 13.34 3.94 22.41
N PHE A 235 14.43 3.26 22.08
CA PHE A 235 14.36 1.92 21.51
C PHE A 235 14.70 0.88 22.57
N GLY A 236 14.78 1.33 23.83
CA GLY A 236 15.08 0.45 24.95
C GLY A 236 13.83 -0.02 25.65
N VAL A 237 14.01 -0.71 26.77
CA VAL A 237 12.91 -1.37 27.47
C VAL A 237 11.89 -0.37 28.00
N GLU A 238 12.31 0.86 28.27
CA GLU A 238 11.41 1.89 28.76
C GLU A 238 10.89 2.75 27.60
N GLY A 239 11.20 2.33 26.37
CA GLY A 239 10.79 3.05 25.18
C GLY A 239 9.76 2.28 24.37
N PHE A 240 10.05 2.06 23.10
CA PHE A 240 9.10 1.46 22.18
C PHE A 240 9.29 -0.05 22.00
N GLN A 241 10.12 -0.66 22.84
CA GLN A 241 10.47 -2.07 22.65
C GLN A 241 9.25 -2.97 22.84
N THR A 242 8.47 -2.71 23.89
CA THR A 242 7.24 -3.47 24.14
C THR A 242 6.31 -3.34 22.94
N PHE A 243 6.13 -2.11 22.47
CA PHE A 243 5.25 -1.83 21.34
C PHE A 243 5.67 -2.61 20.10
N PHE A 244 6.98 -2.64 19.83
CA PHE A 244 7.48 -3.36 18.67
C PHE A 244 7.30 -4.86 18.84
N ASN A 245 7.56 -5.37 20.04
CA ASN A 245 7.39 -6.80 20.31
C ASN A 245 5.94 -7.23 20.16
N GLN A 246 5.01 -6.31 20.39
CA GLN A 246 3.59 -6.59 20.19
C GLN A 246 3.28 -6.70 18.71
N LEU A 247 3.93 -5.88 17.89
CA LEU A 247 3.70 -5.87 16.46
C LEU A 247 4.30 -7.10 15.79
N LYS A 248 5.47 -7.52 16.29
CA LYS A 248 6.14 -8.70 15.76
C LYS A 248 5.27 -9.94 15.90
N ALA A 249 4.51 -9.97 16.99
CA ALA A 249 3.60 -11.10 17.24
C ALA A 249 2.40 -11.03 16.31
N SER A 250 1.47 -10.13 16.63
CA SER A 250 0.25 -9.99 15.84
C SER A 250 0.43 -8.95 14.75
N ALA B 25 -34.76 32.58 -20.60
CA ALA B 25 -33.53 33.40 -20.75
C ALA B 25 -32.30 32.59 -20.37
N MET B 26 -32.19 32.26 -19.09
CA MET B 26 -31.10 31.42 -18.62
C MET B 26 -31.24 30.00 -19.18
N GLY B 27 -32.47 29.64 -19.54
CA GLY B 27 -32.74 28.33 -20.09
C GLY B 27 -32.16 28.18 -21.48
N SER B 28 -32.28 29.23 -22.28
CA SER B 28 -31.73 29.23 -23.63
C SER B 28 -30.22 28.98 -23.60
N LEU B 29 -29.58 29.52 -22.56
CA LEU B 29 -28.14 29.38 -22.40
C LEU B 29 -27.78 27.94 -22.08
N LYS B 30 -28.61 27.30 -21.26
CA LYS B 30 -28.40 25.91 -20.87
C LYS B 30 -28.45 24.98 -22.08
N GLU B 31 -29.48 25.15 -22.91
CA GLU B 31 -29.68 24.29 -24.07
C GLU B 31 -28.57 24.43 -25.10
N ARG B 32 -28.12 25.66 -25.33
CA ARG B 32 -27.08 25.92 -26.31
C ARG B 32 -25.78 25.23 -25.91
N LYS B 33 -25.50 25.20 -24.62
CA LYS B 33 -24.35 24.46 -24.11
C LYS B 33 -24.54 22.97 -24.32
N LEU B 34 -25.71 22.48 -23.94
CA LEU B 34 -26.05 21.06 -24.11
C LEU B 34 -25.90 20.62 -25.55
N ALA B 35 -26.41 21.42 -26.47
CA ALA B 35 -26.34 21.11 -27.90
C ALA B 35 -24.89 21.06 -28.37
N LYS B 36 -24.08 21.98 -27.86
CA LYS B 36 -22.66 22.04 -28.20
C LYS B 36 -21.93 20.81 -27.67
N LYS B 37 -22.19 20.49 -26.41
CA LYS B 37 -21.56 19.33 -25.77
C LYS B 37 -21.97 18.03 -26.43
N ARG B 38 -23.24 17.94 -26.84
CA ARG B 38 -23.75 16.73 -27.46
C ARG B 38 -23.12 16.51 -28.83
N ASP B 39 -22.93 17.61 -29.58
CA ASP B 39 -22.29 17.53 -30.88
C ASP B 39 -20.85 17.03 -30.76
N GLU B 40 -20.10 17.63 -29.84
CA GLU B 40 -18.74 17.19 -29.56
C GLU B 40 -18.73 15.73 -29.15
N LEU B 41 -19.64 15.37 -28.26
CA LEU B 41 -19.73 14.01 -27.75
C LEU B 41 -19.88 13.02 -28.89
N GLN B 42 -20.85 13.26 -29.77
CA GLN B 42 -21.14 12.32 -30.85
C GLN B 42 -19.97 12.20 -31.82
N ARG B 43 -19.34 13.33 -32.13
CA ARG B 43 -18.20 13.33 -33.05
C ARG B 43 -17.04 12.51 -32.49
N TYR B 44 -16.66 12.82 -31.26
CA TYR B 44 -15.46 12.23 -30.68
C TYR B 44 -15.65 10.76 -30.33
N VAL B 45 -16.87 10.36 -30.00
CA VAL B 45 -17.15 8.95 -29.76
C VAL B 45 -17.03 8.18 -31.07
N LEU B 46 -17.63 8.72 -32.12
CA LEU B 46 -17.55 8.11 -33.44
C LEU B 46 -16.09 8.03 -33.91
N MET B 47 -15.33 9.09 -33.64
CA MET B 47 -13.92 9.15 -34.01
C MET B 47 -13.12 8.07 -33.31
N ALA B 48 -13.36 7.90 -32.01
CA ALA B 48 -12.67 6.87 -31.23
C ALA B 48 -12.97 5.49 -31.81
N ALA B 49 -14.21 5.29 -32.22
CA ALA B 49 -14.65 4.00 -32.75
C ALA B 49 -14.25 3.82 -34.22
N ASP B 50 -13.58 4.83 -34.77
CA ASP B 50 -13.09 4.79 -36.14
C ASP B 50 -14.24 4.69 -37.13
N VAL B 51 -15.32 5.39 -36.84
CA VAL B 51 -16.47 5.49 -37.73
C VAL B 51 -16.39 6.80 -38.51
N ASN B 52 -16.62 6.72 -39.82
CA ASN B 52 -16.61 7.92 -40.66
C ASN B 52 -17.75 8.86 -40.28
N LEU B 53 -17.43 10.14 -40.08
CA LEU B 53 -18.39 11.12 -39.61
C LEU B 53 -19.26 11.67 -40.73
N GLY B 54 -18.87 11.38 -41.97
CA GLY B 54 -19.53 11.96 -43.12
C GLY B 54 -19.23 13.44 -43.20
N GLN B 55 -20.04 14.16 -43.96
CA GLN B 55 -19.86 15.60 -44.12
C GLN B 55 -21.13 16.32 -43.70
N GLY B 56 -20.97 17.55 -43.20
CA GLY B 56 -22.09 18.30 -42.68
C GLY B 56 -22.53 17.74 -41.34
N ASN B 57 -23.83 17.79 -41.07
CA ASN B 57 -24.38 17.29 -39.82
C ASN B 57 -24.82 15.83 -39.93
N GLU B 58 -24.16 15.09 -40.82
CA GLU B 58 -24.46 13.67 -41.02
C GLU B 58 -24.08 12.84 -39.80
N PHE B 59 -23.16 13.35 -38.99
CA PHE B 59 -22.65 12.60 -37.85
C PHE B 59 -23.76 12.28 -36.85
N ARG B 60 -24.78 13.14 -36.80
CA ARG B 60 -25.89 12.95 -35.87
C ARG B 60 -26.74 11.75 -36.26
N ASP B 61 -26.90 11.53 -37.56
CA ASP B 61 -27.68 10.41 -38.07
C ASP B 61 -26.88 9.13 -37.99
N ILE B 62 -25.57 9.24 -38.20
CA ILE B 62 -24.67 8.10 -38.10
C ILE B 62 -24.62 7.61 -36.66
N PHE B 63 -24.46 8.56 -35.73
CA PHE B 63 -24.45 8.26 -34.31
C PHE B 63 -25.75 7.60 -33.88
N ALA B 64 -26.87 8.17 -34.31
CA ALA B 64 -28.19 7.69 -33.91
C ALA B 64 -28.44 6.25 -34.33
N LYS B 65 -27.86 5.86 -35.47
CA LYS B 65 -28.07 4.53 -36.01
C LYS B 65 -27.06 3.52 -35.47
N SER B 66 -25.79 3.94 -35.42
CA SER B 66 -24.69 3.02 -35.15
C SER B 66 -24.29 2.92 -33.68
N VAL B 67 -24.78 3.85 -32.86
CA VAL B 67 -24.38 3.91 -31.45
C VAL B 67 -25.55 3.71 -30.50
N LYS B 68 -25.31 2.94 -29.45
CA LYS B 68 -26.27 2.72 -28.37
C LYS B 68 -25.69 3.27 -27.06
N PRO B 69 -26.13 4.46 -26.64
CA PRO B 69 -25.70 4.98 -25.34
C PRO B 69 -26.29 4.21 -24.18
N LEU B 70 -25.47 3.89 -23.18
CA LEU B 70 -25.91 3.17 -22.00
C LEU B 70 -25.35 3.81 -20.75
N LEU B 71 -26.12 3.76 -19.67
CA LEU B 71 -25.64 4.20 -18.37
C LEU B 71 -25.30 2.95 -17.55
N ILE B 72 -24.03 2.83 -17.17
CA ILE B 72 -23.54 1.64 -16.48
C ILE B 72 -23.34 1.89 -15.00
N ASN B 73 -23.71 0.92 -14.17
CA ASN B 73 -23.34 0.92 -12.77
C ASN B 73 -21.95 0.32 -12.63
N LEU B 74 -20.99 1.13 -12.18
CA LEU B 74 -19.59 0.74 -12.20
C LEU B 74 -19.27 -0.41 -11.24
N ASP B 75 -19.94 -0.43 -10.09
CA ASP B 75 -19.67 -1.46 -9.09
C ASP B 75 -20.19 -2.83 -9.51
N THR B 76 -21.36 -2.86 -10.15
CA THR B 76 -21.96 -4.12 -10.57
C THR B 76 -21.68 -4.41 -12.04
N GLY B 77 -21.47 -3.36 -12.83
CA GLY B 77 -21.26 -3.50 -14.25
C GLY B 77 -22.55 -3.67 -15.01
N LYS B 78 -23.68 -3.42 -14.33
CA LYS B 78 -25.00 -3.59 -14.92
C LYS B 78 -25.53 -2.27 -15.49
N VAL B 79 -26.44 -2.38 -16.45
CA VAL B 79 -27.08 -1.21 -17.04
C VAL B 79 -28.07 -0.57 -16.07
N ASP B 80 -27.96 0.74 -15.90
CA ASP B 80 -28.95 1.53 -15.16
C ASP B 80 -29.77 2.36 -16.13
N SER B 81 -30.96 2.76 -15.70
CA SER B 81 -31.89 3.48 -16.56
C SER B 81 -31.78 4.99 -16.34
N ASP B 82 -31.92 5.74 -17.43
CA ASP B 82 -31.97 7.19 -17.36
C ASP B 82 -32.83 7.73 -18.50
N ALA B 83 -33.62 8.76 -18.22
CA ALA B 83 -34.52 9.32 -19.21
C ALA B 83 -33.76 9.90 -20.40
N ASN B 84 -32.62 10.52 -20.11
CA ASN B 84 -31.79 11.14 -21.14
C ASN B 84 -30.30 10.84 -20.90
N VAL B 85 -29.86 9.67 -21.37
CA VAL B 85 -28.50 9.20 -21.15
C VAL B 85 -27.47 10.15 -21.78
N LEU B 86 -27.74 10.65 -22.97
CA LEU B 86 -26.80 11.53 -23.65
C LEU B 86 -26.53 12.82 -22.87
N ASP B 87 -27.59 13.38 -22.30
CA ASP B 87 -27.48 14.64 -21.55
C ASP B 87 -27.25 14.38 -20.06
N PHE B 88 -26.88 13.15 -19.71
CA PHE B 88 -26.52 12.82 -18.35
C PHE B 88 -25.24 13.57 -17.96
N ASP B 89 -25.29 14.31 -16.85
CA ASP B 89 -24.17 15.13 -16.43
C ASP B 89 -23.13 14.31 -15.66
N GLU B 90 -22.06 13.94 -16.35
CA GLU B 90 -20.98 13.15 -15.75
C GLU B 90 -20.31 13.92 -14.61
N ARG B 91 -20.19 15.23 -14.80
CA ARG B 91 -19.47 16.08 -13.86
C ARG B 91 -20.18 16.16 -12.51
N MET B 92 -21.47 16.46 -12.54
CA MET B 92 -22.24 16.61 -11.31
C MET B 92 -22.37 15.28 -10.57
N ALA B 93 -22.57 14.19 -11.32
CA ALA B 93 -22.76 12.88 -10.72
C ALA B 93 -21.57 12.47 -9.86
N ALA B 94 -20.38 12.88 -10.28
CA ALA B 94 -19.15 12.54 -9.57
C ALA B 94 -19.04 13.29 -8.24
N ILE B 95 -19.56 14.51 -8.19
CA ILE B 95 -19.46 15.35 -7.00
C ILE B 95 -20.53 15.01 -5.98
N ASN B 96 -21.75 14.79 -6.45
CA ASN B 96 -22.90 14.53 -5.58
C ASN B 96 -22.65 13.34 -4.64
N PRO B 97 -22.68 13.59 -3.31
CA PRO B 97 -22.46 12.50 -2.35
C PRO B 97 -23.46 11.36 -2.50
N GLU B 98 -24.66 11.67 -2.99
CA GLU B 98 -25.72 10.69 -3.16
C GLU B 98 -25.40 9.73 -4.29
N THR B 99 -24.64 10.20 -5.28
CA THR B 99 -24.39 9.43 -6.49
C THR B 99 -22.90 9.23 -6.75
N SER B 100 -22.09 9.33 -5.70
CA SER B 100 -20.65 9.19 -5.84
C SER B 100 -20.02 8.57 -4.61
N SER B 101 -18.73 8.28 -4.71
CA SER B 101 -17.97 7.71 -3.59
C SER B 101 -16.49 8.04 -3.75
N THR B 102 -15.72 7.83 -2.68
CA THR B 102 -14.29 8.05 -2.72
C THR B 102 -13.59 6.77 -3.15
N PRO B 103 -12.75 6.84 -4.21
CA PRO B 103 -12.06 5.63 -4.65
C PRO B 103 -11.04 5.12 -3.63
N LYS B 104 -10.83 3.81 -3.60
CA LYS B 104 -9.89 3.20 -2.66
C LYS B 104 -8.46 3.59 -2.99
N LYS B 105 -8.07 3.42 -4.24
CA LYS B 105 -6.76 3.85 -4.73
C LYS B 105 -6.97 4.91 -5.81
N ASP B 106 -6.86 6.17 -5.42
CA ASP B 106 -7.14 7.29 -6.31
C ASP B 106 -5.98 7.55 -7.26
N ILE B 107 -5.74 6.60 -8.16
CA ILE B 107 -4.63 6.66 -9.10
C ILE B 107 -4.69 7.91 -9.98
N ALA B 108 -5.89 8.24 -10.44
CA ALA B 108 -6.08 9.37 -11.34
C ALA B 108 -6.30 10.68 -10.58
N LYS B 109 -6.28 10.61 -9.26
CA LYS B 109 -6.42 11.78 -8.42
C LYS B 109 -7.70 12.55 -8.72
N ILE B 110 -8.80 11.81 -8.86
CA ILE B 110 -10.11 12.42 -9.11
C ILE B 110 -10.88 12.67 -7.82
N LYS B 111 -10.35 12.19 -6.71
CA LYS B 111 -10.88 12.44 -5.36
C LYS B 111 -12.24 11.76 -5.11
N THR B 112 -13.15 11.89 -6.07
CA THR B 112 -14.45 11.25 -5.98
CA THR B 112 -14.45 11.23 -5.98
C THR B 112 -14.80 10.63 -7.33
N ARG B 113 -15.58 9.56 -7.31
CA ARG B 113 -15.97 8.87 -8.53
C ARG B 113 -17.48 8.67 -8.58
N ALA B 114 -18.07 8.98 -9.73
CA ALA B 114 -19.49 8.75 -9.94
C ALA B 114 -19.81 7.26 -9.76
N ASN B 115 -21.01 6.95 -9.30
CA ASN B 115 -21.46 5.57 -9.18
C ASN B 115 -21.73 4.98 -10.56
N ASP B 116 -22.22 5.84 -11.46
CA ASP B 116 -22.55 5.44 -12.82
C ASP B 116 -21.64 6.12 -13.84
N ALA B 117 -21.52 5.50 -15.01
CA ALA B 117 -20.77 6.07 -16.12
C ALA B 117 -21.49 5.81 -17.43
N ARG B 118 -21.46 6.81 -18.32
CA ARG B 118 -22.06 6.69 -19.64
C ARG B 118 -21.08 6.06 -20.61
N VAL B 119 -21.48 4.94 -21.20
CA VAL B 119 -20.67 4.24 -22.18
C VAL B 119 -21.42 4.16 -23.50
N PHE B 120 -20.73 3.68 -24.54
CA PHE B 120 -21.32 3.60 -25.87
C PHE B 120 -20.94 2.30 -26.57
N LYS B 121 -21.97 1.54 -26.98
CA LYS B 121 -21.77 0.38 -27.83
C LYS B 121 -21.92 0.81 -29.29
N VAL B 122 -20.92 0.48 -30.10
CA VAL B 122 -20.87 0.89 -31.50
C VAL B 122 -20.95 -0.31 -32.43
N PHE B 123 -21.83 -0.22 -33.43
CA PHE B 123 -22.09 -1.32 -34.35
C PHE B 123 -21.76 -0.92 -35.79
N ASP B 124 -21.27 -1.88 -36.56
CA ASP B 124 -20.98 -1.65 -37.97
C ASP B 124 -22.29 -1.65 -38.77
N ASP B 125 -22.18 -1.45 -40.07
CA ASP B 125 -23.36 -1.44 -40.94
C ASP B 125 -24.13 -2.75 -40.88
N SER B 126 -23.44 -3.83 -40.53
CA SER B 126 -24.06 -5.16 -40.51
C SER B 126 -24.87 -5.38 -39.24
N GLY B 127 -24.63 -4.56 -38.22
CA GLY B 127 -25.30 -4.69 -36.94
C GLY B 127 -24.47 -5.45 -35.92
N LYS B 128 -23.23 -5.75 -36.29
CA LYS B 128 -22.31 -6.46 -35.40
C LYS B 128 -21.54 -5.47 -34.53
N LEU B 129 -21.33 -5.82 -33.26
CA LEU B 129 -20.59 -4.98 -32.35
C LEU B 129 -19.19 -4.71 -32.88
N SER B 130 -18.86 -3.44 -33.05
CA SER B 130 -17.56 -3.02 -33.58
C SER B 130 -16.63 -2.60 -32.46
N SER B 131 -17.17 -1.87 -31.49
CA SER B 131 -16.39 -1.45 -30.34
C SER B 131 -17.27 -0.99 -29.19
N VAL B 132 -16.67 -0.91 -28.00
CA VAL B 132 -17.29 -0.29 -26.85
C VAL B 132 -16.45 0.90 -26.45
N VAL B 133 -17.07 2.07 -26.42
CA VAL B 133 -16.37 3.31 -26.11
C VAL B 133 -16.69 3.73 -24.68
N VAL B 134 -15.65 3.91 -23.87
CA VAL B 134 -15.80 4.28 -22.47
C VAL B 134 -15.07 5.58 -22.18
N PRO B 135 -15.65 6.42 -21.31
CA PRO B 135 -14.98 7.68 -20.95
C PRO B 135 -13.94 7.47 -19.87
N PHE B 136 -12.85 8.23 -19.94
CA PHE B 136 -11.84 8.19 -18.90
C PHE B 136 -11.34 9.62 -18.66
N TYR B 137 -11.00 9.90 -17.41
CA TYR B 137 -10.42 11.18 -17.08
C TYR B 137 -9.56 11.08 -15.83
N GLY B 138 -8.74 12.09 -15.61
CA GLY B 138 -7.83 12.11 -14.48
C GLY B 138 -7.05 13.39 -14.44
N LYS B 139 -6.38 13.64 -13.32
CA LYS B 139 -5.64 14.87 -13.13
C LYS B 139 -4.37 14.89 -13.96
N GLY B 140 -4.20 15.96 -14.74
CA GLY B 140 -2.96 16.20 -15.44
C GLY B 140 -2.05 17.05 -14.56
N LEU B 141 -1.31 17.95 -15.18
CA LEU B 141 -0.44 18.86 -14.44
C LEU B 141 -1.23 20.04 -13.87
N TRP B 142 -2.03 20.67 -14.74
CA TRP B 142 -2.81 21.84 -14.35
C TRP B 142 -4.25 21.49 -14.07
N SER B 143 -4.79 20.53 -14.81
CA SER B 143 -6.24 20.30 -14.84
C SER B 143 -6.59 18.84 -15.03
N MET B 144 -7.90 18.58 -15.07
CA MET B 144 -8.41 17.28 -15.42
C MET B 144 -8.35 17.11 -16.94
N ILE B 145 -7.99 15.92 -17.37
CA ILE B 145 -7.94 15.58 -18.78
C ILE B 145 -9.08 14.62 -19.07
N TYR B 146 -9.92 14.95 -20.05
CA TYR B 146 -11.07 14.13 -20.40
C TYR B 146 -10.94 13.55 -21.81
N GLY B 147 -11.27 12.27 -21.95
CA GLY B 147 -11.19 11.59 -23.23
C GLY B 147 -12.03 10.34 -23.32
N TYR B 148 -11.92 9.65 -24.46
CA TYR B 148 -12.58 8.36 -24.66
C TYR B 148 -11.58 7.32 -25.11
N VAL B 149 -11.88 6.06 -24.82
CA VAL B 149 -11.15 4.93 -25.39
C VAL B 149 -12.16 3.95 -25.99
N ALA B 150 -12.05 3.74 -27.31
CA ALA B 150 -12.85 2.74 -28.00
C ALA B 150 -12.13 1.41 -27.92
N VAL B 151 -12.83 0.39 -27.43
CA VAL B 151 -12.22 -0.91 -27.22
C VAL B 151 -12.89 -1.96 -28.12
N GLU B 152 -12.07 -2.78 -28.77
CA GLU B 152 -12.58 -3.83 -29.64
C GLU B 152 -13.31 -4.90 -28.83
N PRO B 153 -14.10 -5.76 -29.50
CA PRO B 153 -14.91 -6.76 -28.80
C PRO B 153 -14.11 -7.79 -28.02
N ASP B 154 -12.79 -7.81 -28.17
CA ASP B 154 -11.94 -8.66 -27.35
C ASP B 154 -11.66 -7.99 -26.01
N PHE B 155 -12.06 -6.72 -25.91
CA PHE B 155 -11.95 -5.95 -24.69
C PHE B 155 -10.50 -5.88 -24.22
N ASN B 156 -9.60 -5.63 -25.18
CA ASN B 156 -8.17 -5.53 -24.91
C ASN B 156 -7.51 -4.63 -25.94
N THR B 157 -7.75 -4.93 -27.22
CA THR B 157 -7.19 -4.14 -28.31
C THR B 157 -7.93 -2.81 -28.45
N ILE B 158 -7.16 -1.73 -28.51
CA ILE B 158 -7.72 -0.39 -28.61
C ILE B 158 -8.15 -0.05 -30.03
N LYS B 159 -9.41 0.33 -30.19
CA LYS B 159 -9.95 0.75 -31.48
C LYS B 159 -9.59 2.20 -31.74
N GLY B 160 -9.47 2.98 -30.66
CA GLY B 160 -9.07 4.36 -30.79
C GLY B 160 -9.08 5.12 -29.47
N VAL B 161 -8.33 6.21 -29.44
CA VAL B 161 -8.29 7.10 -28.28
C VAL B 161 -8.51 8.54 -28.72
N VAL B 162 -9.36 9.25 -27.98
CA VAL B 162 -9.61 10.66 -28.23
C VAL B 162 -9.64 11.42 -26.92
N VAL B 163 -8.70 12.36 -26.76
CA VAL B 163 -8.77 13.34 -25.68
C VAL B 163 -9.34 14.63 -26.27
N TYR B 164 -10.39 15.15 -25.66
CA TYR B 164 -11.16 16.25 -26.23
C TYR B 164 -11.23 17.48 -25.33
N GLU B 165 -10.80 17.35 -24.09
CA GLU B 165 -10.87 18.46 -23.14
C GLU B 165 -9.76 18.41 -22.10
N HIS B 166 -9.10 19.56 -21.89
CA HIS B 166 -8.02 19.67 -20.93
C HIS B 166 -7.75 21.13 -20.61
N GLY B 167 -6.98 21.36 -19.55
CA GLY B 167 -6.58 22.71 -19.15
C GLY B 167 -5.07 22.79 -19.02
N GLU B 168 -4.38 21.98 -19.82
CA GLU B 168 -2.93 21.98 -19.85
C GLU B 168 -2.42 23.17 -20.66
N THR B 169 -1.13 23.44 -20.57
CA THR B 169 -0.54 24.61 -21.23
C THR B 169 -0.55 24.47 -22.75
N PRO B 170 -1.14 25.44 -23.46
CA PRO B 170 -1.01 25.47 -24.93
C PRO B 170 0.44 25.51 -25.37
N GLY B 171 0.83 24.56 -26.22
CA GLY B 171 2.19 24.48 -26.72
C GLY B 171 2.95 23.30 -26.13
N ILE B 172 2.56 22.90 -24.93
CA ILE B 172 3.19 21.77 -24.24
C ILE B 172 2.20 20.62 -24.05
N GLY B 173 1.33 20.74 -23.04
CA GLY B 173 0.46 19.64 -22.67
C GLY B 173 -0.69 19.39 -23.62
N ASP B 174 -0.95 20.33 -24.53
CA ASP B 174 -2.09 20.21 -25.42
C ASP B 174 -1.84 19.21 -26.55
N PHE B 175 -0.72 18.48 -26.48
CA PHE B 175 -0.42 17.48 -27.49
C PHE B 175 -1.41 16.33 -27.45
N VAL B 176 -2.15 16.22 -26.34
CA VAL B 176 -3.08 15.11 -26.16
C VAL B 176 -4.25 15.15 -27.14
N THR B 177 -4.50 16.32 -27.73
CA THR B 177 -5.58 16.48 -28.70
C THR B 177 -5.08 16.34 -30.14
N ASP B 178 -3.81 15.97 -30.29
CA ASP B 178 -3.19 15.84 -31.60
C ASP B 178 -3.46 14.47 -32.22
N PRO B 179 -4.13 14.42 -33.38
CA PRO B 179 -4.40 13.13 -34.03
C PRO B 179 -3.14 12.31 -34.29
N HIS B 180 -2.01 12.99 -34.53
CA HIS B 180 -0.75 12.31 -34.78
C HIS B 180 -0.35 11.44 -33.60
N TRP B 181 -0.57 11.97 -32.39
CA TRP B 181 -0.23 11.26 -31.17
C TRP B 181 -1.32 10.27 -30.79
N LEU B 182 -2.58 10.70 -30.91
CA LEU B 182 -3.71 9.87 -30.55
C LEU B 182 -3.79 8.62 -31.42
N SER B 183 -3.31 8.74 -32.66
CA SER B 183 -3.33 7.62 -33.60
C SER B 183 -2.46 6.47 -33.10
N LEU B 184 -1.42 6.81 -32.34
CA LEU B 184 -0.45 5.82 -31.88
C LEU B 184 -1.07 4.73 -31.01
N TRP B 185 -2.21 5.04 -30.39
CA TRP B 185 -2.84 4.13 -29.45
C TRP B 185 -3.55 2.97 -30.16
N LYS B 186 -3.94 3.18 -31.40
CA LYS B 186 -4.72 2.18 -32.13
C LYS B 186 -3.93 0.90 -32.36
N GLY B 187 -4.54 -0.24 -32.06
CA GLY B 187 -3.92 -1.54 -32.25
C GLY B 187 -3.21 -2.03 -31.01
N LYS B 188 -2.93 -1.11 -30.08
CA LYS B 188 -2.27 -1.46 -28.84
C LYS B 188 -3.22 -2.27 -27.96
N GLN B 189 -2.66 -2.92 -26.94
CA GLN B 189 -3.46 -3.72 -26.00
C GLN B 189 -3.41 -3.15 -24.58
N LEU B 190 -4.58 -2.93 -24.00
CA LEU B 190 -4.68 -2.35 -22.66
C LEU B 190 -4.10 -3.27 -21.60
N PHE B 191 -4.35 -4.57 -21.73
CA PHE B 191 -3.98 -5.53 -20.70
C PHE B 191 -2.93 -6.53 -21.16
N ASP B 192 -2.18 -7.07 -20.21
CA ASP B 192 -1.28 -8.18 -20.49
C ASP B 192 -2.08 -9.49 -20.47
N ASP B 193 -1.38 -10.62 -20.49
CA ASP B 193 -2.03 -11.92 -20.55
C ASP B 193 -2.69 -12.29 -19.21
N LYS B 194 -2.31 -11.60 -18.14
CA LYS B 194 -2.91 -11.83 -16.83
C LYS B 194 -4.06 -10.87 -16.57
N GLY B 195 -4.34 -9.98 -17.52
CA GLY B 195 -5.44 -9.05 -17.41
C GLY B 195 -5.08 -7.78 -16.66
N LYS B 196 -3.79 -7.57 -16.43
CA LYS B 196 -3.31 -6.37 -15.75
C LYS B 196 -3.09 -5.25 -16.75
N PHE B 197 -3.54 -4.04 -16.42
CA PHE B 197 -3.28 -2.86 -17.23
C PHE B 197 -1.78 -2.72 -17.45
N ALA B 198 -1.38 -2.47 -18.70
CA ALA B 198 0.04 -2.57 -19.07
C ALA B 198 0.52 -1.46 -20.01
N MET B 199 -0.36 -0.53 -20.37
CA MET B 199 0.04 0.58 -21.24
C MET B 199 1.03 1.50 -20.51
N ARG B 200 2.11 1.86 -21.22
CA ARG B 200 3.14 2.73 -20.66
C ARG B 200 3.58 3.78 -21.68
N LEU B 201 3.71 5.03 -21.23
CA LEU B 201 4.35 6.06 -22.03
C LEU B 201 5.86 5.83 -22.00
N VAL B 202 6.48 5.82 -23.17
CA VAL B 202 7.89 5.46 -23.30
C VAL B 202 8.72 6.54 -23.98
N LYS B 203 9.86 6.87 -23.38
CA LYS B 203 10.82 7.77 -23.98
C LYS B 203 11.79 6.98 -24.85
N GLY B 204 12.30 7.62 -25.90
CA GLY B 204 13.27 6.99 -26.78
C GLY B 204 12.60 6.28 -27.94
N GLY B 205 11.43 6.77 -28.33
CA GLY B 205 10.69 6.19 -29.44
C GLY B 205 10.07 4.87 -29.09
N VAL B 206 9.01 4.50 -29.81
CA VAL B 206 8.35 3.22 -29.61
C VAL B 206 8.29 2.47 -30.94
N LYS B 207 8.55 1.16 -30.87
CA LYS B 207 8.53 0.31 -32.05
C LYS B 207 7.10 -0.14 -32.34
N GLU B 208 6.81 -0.34 -33.63
CA GLU B 208 5.48 -0.72 -34.08
C GLU B 208 5.00 -2.01 -33.42
N GLY B 209 5.94 -2.88 -33.07
CA GLY B 209 5.62 -4.15 -32.47
C GLY B 209 5.31 -4.08 -31.00
N ASP B 210 5.60 -2.94 -30.37
CA ASP B 210 5.34 -2.76 -28.94
C ASP B 210 3.83 -2.58 -28.70
N ILE B 211 3.19 -3.64 -28.22
CA ILE B 211 1.74 -3.63 -28.05
C ILE B 211 1.30 -2.79 -26.85
N HIS B 212 2.23 -2.51 -25.95
CA HIS B 212 1.90 -1.83 -24.70
C HIS B 212 2.55 -0.45 -24.58
N GLY B 213 3.29 -0.04 -25.61
CA GLY B 213 4.02 1.21 -25.57
C GLY B 213 3.43 2.27 -26.48
N VAL B 214 3.54 3.52 -26.04
CA VAL B 214 3.17 4.68 -26.85
C VAL B 214 4.10 5.83 -26.52
N ASP B 215 4.36 6.68 -27.51
CA ASP B 215 5.37 7.73 -27.39
C ASP B 215 5.01 8.80 -26.35
N ALA B 216 5.90 8.98 -25.39
CA ALA B 216 5.85 10.15 -24.51
C ALA B 216 6.35 11.36 -25.27
N VAL B 217 5.85 12.54 -24.92
CA VAL B 217 6.30 13.77 -25.55
C VAL B 217 7.38 14.43 -24.69
N SER B 218 8.46 14.85 -25.34
CA SER B 218 9.54 15.52 -24.65
C SER B 218 9.10 16.87 -24.10
N GLY B 219 9.41 17.12 -22.83
CA GLY B 219 9.04 18.36 -22.18
C GLY B 219 7.58 18.39 -21.78
N ALA B 220 6.86 17.30 -22.06
CA ALA B 220 5.45 17.20 -21.71
C ALA B 220 5.17 15.86 -21.02
N THR B 221 6.10 15.45 -20.16
CA THR B 221 6.01 14.16 -19.48
C THR B 221 4.88 14.15 -18.44
N MET B 222 4.65 15.28 -17.80
CA MET B 222 3.67 15.37 -16.72
C MET B 222 2.25 15.17 -17.22
N THR B 223 1.91 15.78 -18.34
CA THR B 223 0.60 15.57 -18.94
C THR B 223 0.48 14.11 -19.38
N GLY B 224 1.58 13.55 -19.84
CA GLY B 224 1.61 12.17 -20.30
C GLY B 224 1.31 11.16 -19.20
N ARG B 225 1.97 11.32 -18.06
CA ARG B 225 1.75 10.43 -16.92
C ARG B 225 0.31 10.55 -16.45
N GLY B 226 -0.24 11.76 -16.58
CA GLY B 226 -1.62 12.03 -16.22
C GLY B 226 -2.58 11.19 -17.04
N VAL B 227 -2.38 11.17 -18.35
CA VAL B 227 -3.20 10.35 -19.24
C VAL B 227 -3.03 8.88 -18.91
N GLN B 228 -1.78 8.49 -18.67
CA GLN B 228 -1.44 7.10 -18.35
C GLN B 228 -2.17 6.63 -17.10
N ARG B 229 -2.07 7.42 -16.03
CA ARG B 229 -2.68 7.05 -14.76
C ARG B 229 -4.20 7.14 -14.81
N ALA B 230 -4.71 8.02 -15.67
CA ALA B 230 -6.15 8.12 -15.87
C ALA B 230 -6.68 6.81 -16.43
N MET B 231 -5.99 6.30 -17.45
CA MET B 231 -6.37 5.03 -18.06
CA MET B 231 -6.37 5.03 -18.06
C MET B 231 -6.14 3.88 -17.09
N GLU B 232 -5.07 3.97 -16.30
CA GLU B 232 -4.75 2.95 -15.32
C GLU B 232 -5.89 2.76 -14.33
N PHE B 233 -6.50 3.87 -13.92
CA PHE B 233 -7.61 3.80 -12.98
C PHE B 233 -8.89 3.28 -13.64
N TRP B 234 -9.22 3.81 -14.80
CA TRP B 234 -10.51 3.55 -15.42
C TRP B 234 -10.58 2.21 -16.13
N PHE B 235 -9.43 1.56 -16.29
CA PHE B 235 -9.41 0.19 -16.79
C PHE B 235 -8.93 -0.77 -15.70
N GLY B 236 -8.91 -0.27 -14.46
CA GLY B 236 -8.55 -1.08 -13.31
C GLY B 236 -9.77 -1.62 -12.60
N VAL B 237 -9.59 -2.05 -11.36
CA VAL B 237 -10.65 -2.73 -10.62
C VAL B 237 -11.75 -1.78 -10.16
N GLU B 238 -11.43 -0.49 -10.07
CA GLU B 238 -12.42 0.52 -9.68
C GLU B 238 -12.96 1.26 -10.91
N GLY B 239 -12.59 0.78 -12.10
CA GLY B 239 -13.04 1.36 -13.35
C GLY B 239 -14.05 0.48 -14.06
N PHE B 240 -13.72 0.07 -15.28
CA PHE B 240 -14.67 -0.65 -16.14
C PHE B 240 -14.43 -2.15 -16.20
N GLN B 241 -13.57 -2.67 -15.31
CA GLN B 241 -13.25 -4.10 -15.35
C GLN B 241 -14.46 -4.97 -15.05
N THR B 242 -15.26 -4.58 -14.08
CA THR B 242 -16.49 -5.31 -13.77
C THR B 242 -17.40 -5.27 -14.98
N PHE B 243 -17.58 -4.07 -15.53
CA PHE B 243 -18.44 -3.89 -16.70
C PHE B 243 -18.01 -4.77 -17.85
N PHE B 244 -16.70 -4.84 -18.10
CA PHE B 244 -16.19 -5.62 -19.21
C PHE B 244 -16.33 -7.11 -18.95
N ASN B 245 -16.22 -7.52 -17.68
CA ASN B 245 -16.42 -8.92 -17.34
C ASN B 245 -17.87 -9.36 -17.59
N GLN B 246 -18.81 -8.44 -17.37
CA GLN B 246 -20.22 -8.73 -17.63
C GLN B 246 -20.47 -8.93 -19.12
N LEU B 247 -19.80 -8.14 -19.96
CA LEU B 247 -19.95 -8.26 -21.41
C LEU B 247 -19.33 -9.56 -21.90
N LYS B 248 -18.19 -9.92 -21.34
CA LYS B 248 -17.56 -11.20 -21.65
C LYS B 248 -18.47 -12.35 -21.24
N ALA B 249 -19.22 -12.13 -20.17
CA ALA B 249 -20.18 -13.12 -19.69
C ALA B 249 -21.43 -13.11 -20.57
N LEU C 34 -32.36 -14.14 32.39
CA LEU C 34 -31.92 -12.76 32.22
C LEU C 34 -30.49 -12.57 32.68
N ALA C 35 -30.09 -13.34 33.70
CA ALA C 35 -28.75 -13.24 34.26
C ALA C 35 -27.71 -13.72 33.26
N LYS C 36 -28.07 -14.70 32.43
CA LYS C 36 -27.16 -15.24 31.44
C LYS C 36 -26.96 -14.25 30.30
N LYS C 37 -28.06 -13.64 29.84
CA LYS C 37 -28.00 -12.60 28.82
C LYS C 37 -27.14 -11.44 29.28
N ARG C 38 -27.32 -11.05 30.54
CA ARG C 38 -26.62 -9.90 31.11
C ARG C 38 -25.13 -10.17 31.19
N ASP C 39 -24.74 -11.38 31.58
CA ASP C 39 -23.33 -11.75 31.63
C ASP C 39 -22.75 -11.81 30.22
N GLU C 40 -23.51 -12.34 29.28
CA GLU C 40 -23.09 -12.35 27.89
C GLU C 40 -22.87 -10.93 27.40
N LEU C 41 -23.82 -10.06 27.71
CA LEU C 41 -23.76 -8.66 27.32
C LEU C 41 -22.48 -8.01 27.84
N GLN C 42 -22.25 -8.13 29.14
CA GLN C 42 -21.13 -7.44 29.78
C GLN C 42 -19.78 -7.92 29.27
N ARG C 43 -19.63 -9.23 29.11
CA ARG C 43 -18.37 -9.79 28.62
C ARG C 43 -18.10 -9.35 27.19
N TYR C 44 -19.12 -9.37 26.35
CA TYR C 44 -18.95 -9.06 24.94
C TYR C 44 -18.76 -7.56 24.68
N VAL C 45 -19.35 -6.72 25.52
CA VAL C 45 -19.15 -5.29 25.41
C VAL C 45 -17.71 -4.95 25.77
N LEU C 46 -17.23 -5.54 26.86
CA LEU C 46 -15.85 -5.33 27.29
C LEU C 46 -14.86 -5.86 26.26
N MET C 47 -15.23 -6.96 25.61
CA MET C 47 -14.38 -7.53 24.56
C MET C 47 -14.23 -6.58 23.39
N ALA C 48 -15.36 -6.05 22.92
CA ALA C 48 -15.35 -5.10 21.81
C ALA C 48 -14.53 -3.86 22.18
N ALA C 49 -14.66 -3.44 23.43
CA ALA C 49 -13.97 -2.25 23.92
C ALA C 49 -12.50 -2.54 24.22
N ASP C 50 -12.12 -3.82 24.08
CA ASP C 50 -10.74 -4.24 24.29
C ASP C 50 -10.32 -4.03 25.74
N VAL C 51 -11.26 -4.18 26.66
CA VAL C 51 -10.99 -4.10 28.09
C VAL C 51 -10.69 -5.49 28.64
N ASN C 52 -9.79 -5.58 29.60
CA ASN C 52 -9.48 -6.86 30.23
C ASN C 52 -10.61 -7.29 31.16
N LEU C 53 -11.10 -8.51 30.97
CA LEU C 53 -12.28 -9.00 31.70
C LEU C 53 -11.93 -9.58 33.06
N GLY C 54 -10.63 -9.70 33.37
CA GLY C 54 -10.20 -10.30 34.62
C GLY C 54 -10.55 -11.77 34.67
N GLN C 55 -10.64 -12.31 35.89
CA GLN C 55 -10.90 -13.73 36.07
C GLN C 55 -12.17 -13.97 36.88
N GLY C 56 -12.91 -15.00 36.51
CA GLY C 56 -14.15 -15.34 37.19
C GLY C 56 -15.22 -14.31 36.94
N ASN C 57 -15.83 -13.83 38.02
CA ASN C 57 -16.90 -12.85 37.93
C ASN C 57 -16.38 -11.42 38.06
N GLU C 58 -15.09 -11.23 37.80
CA GLU C 58 -14.49 -9.90 37.86
C GLU C 58 -15.07 -8.97 36.81
N PHE C 59 -15.49 -9.54 35.68
CA PHE C 59 -15.99 -8.76 34.56
C PHE C 59 -17.22 -7.93 34.96
N ARG C 60 -17.94 -8.39 35.96
CA ARG C 60 -19.11 -7.66 36.46
C ARG C 60 -18.68 -6.41 37.23
N ASP C 61 -17.69 -6.56 38.09
CA ASP C 61 -17.11 -5.42 38.81
C ASP C 61 -16.50 -4.44 37.82
N ILE C 62 -15.80 -4.97 36.83
CA ILE C 62 -15.10 -4.17 35.84
C ILE C 62 -16.09 -3.39 34.99
N PHE C 63 -17.11 -4.09 34.50
CA PHE C 63 -18.17 -3.46 33.70
C PHE C 63 -18.84 -2.35 34.50
N ALA C 64 -19.14 -2.63 35.76
CA ALA C 64 -19.87 -1.69 36.62
C ALA C 64 -19.12 -0.38 36.80
N LYS C 65 -17.79 -0.46 36.88
CA LYS C 65 -16.98 0.72 37.17
C LYS C 65 -16.69 1.54 35.92
N SER C 66 -16.36 0.86 34.82
CA SER C 66 -15.82 1.53 33.64
C SER C 66 -16.82 1.67 32.48
N VAL C 67 -18.01 1.10 32.62
CA VAL C 67 -19.02 1.17 31.56
C VAL C 67 -20.27 1.92 32.03
N LYS C 68 -20.80 2.76 31.15
CA LYS C 68 -22.03 3.52 31.41
C LYS C 68 -23.07 3.21 30.34
N PRO C 69 -24.01 2.30 30.63
CA PRO C 69 -25.07 1.98 29.67
C PRO C 69 -26.04 3.15 29.50
N LEU C 70 -26.34 3.48 28.25
CA LEU C 70 -27.26 4.58 27.94
C LEU C 70 -28.32 4.13 26.95
N LEU C 71 -29.56 4.53 27.21
CA LEU C 71 -30.64 4.35 26.26
C LEU C 71 -30.82 5.66 25.49
N ILE C 72 -30.67 5.60 24.17
CA ILE C 72 -30.68 6.81 23.35
C ILE C 72 -31.74 6.74 22.26
N ASN C 73 -32.38 7.89 22.00
CA ASN C 73 -33.30 8.00 20.88
C ASN C 73 -32.51 8.09 19.58
N LEU C 74 -32.76 7.15 18.67
CA LEU C 74 -31.96 7.06 17.46
C LEU C 74 -32.23 8.20 16.49
N ASP C 75 -33.45 8.73 16.48
CA ASP C 75 -33.80 9.80 15.57
C ASP C 75 -33.20 11.14 15.99
N THR C 76 -33.21 11.42 17.29
CA THR C 76 -32.73 12.70 17.81
C THR C 76 -31.34 12.58 18.40
N GLY C 77 -31.01 11.41 18.94
CA GLY C 77 -29.75 11.19 19.62
C GLY C 77 -29.82 11.56 21.09
N LYS C 78 -31.02 11.88 21.56
CA LYS C 78 -31.22 12.26 22.96
C LYS C 78 -31.19 11.05 23.89
N VAL C 79 -30.64 11.24 25.08
CA VAL C 79 -30.55 10.18 26.07
C VAL C 79 -31.89 10.03 26.81
N ASP C 80 -32.50 8.86 26.68
CA ASP C 80 -33.77 8.58 27.36
C ASP C 80 -33.51 7.79 28.65
N SER C 81 -34.58 7.29 29.27
CA SER C 81 -34.49 6.70 30.61
C SER C 81 -35.02 5.28 30.68
N ASP C 82 -34.48 4.51 31.62
CA ASP C 82 -35.00 3.19 31.95
C ASP C 82 -34.45 2.77 33.31
N ALA C 83 -35.34 2.36 34.20
CA ALA C 83 -34.96 1.96 35.55
C ALA C 83 -33.95 0.81 35.53
N ASN C 84 -33.94 0.06 34.43
CA ASN C 84 -33.02 -1.07 34.28
C ASN C 84 -32.55 -1.17 32.83
N VAL C 85 -31.59 -0.32 32.47
CA VAL C 85 -31.10 -0.24 31.10
C VAL C 85 -30.52 -1.57 30.62
N LEU C 86 -29.83 -2.28 31.50
CA LEU C 86 -29.18 -3.52 31.11
C LEU C 86 -30.20 -4.63 30.81
N ASP C 87 -31.41 -4.49 31.32
CA ASP C 87 -32.46 -5.48 31.11
C ASP C 87 -33.43 -5.05 30.02
N PHE C 88 -33.23 -3.86 29.48
CA PHE C 88 -34.06 -3.34 28.40
C PHE C 88 -34.11 -4.32 27.23
N ASP C 89 -35.31 -4.81 26.91
CA ASP C 89 -35.49 -5.78 25.84
C ASP C 89 -35.46 -5.12 24.47
N GLU C 90 -34.31 -5.21 23.79
CA GLU C 90 -34.14 -4.59 22.49
C GLU C 90 -34.93 -5.34 21.41
N ARG C 91 -35.10 -6.64 21.61
CA ARG C 91 -35.79 -7.48 20.63
C ARG C 91 -37.27 -7.13 20.58
N MET C 92 -37.86 -6.90 21.74
CA MET C 92 -39.27 -6.56 21.84
C MET C 92 -39.50 -5.11 21.40
N ALA C 93 -38.55 -4.24 21.72
CA ALA C 93 -38.65 -2.82 21.40
C ALA C 93 -38.72 -2.60 19.90
N ALA C 94 -38.09 -3.48 19.14
CA ALA C 94 -37.98 -3.33 17.70
C ALA C 94 -39.23 -3.79 16.95
N ILE C 95 -40.13 -4.47 17.65
CA ILE C 95 -41.33 -5.02 17.04
C ILE C 95 -42.61 -4.48 17.68
N ASN C 96 -42.45 -3.69 18.74
CA ASN C 96 -43.60 -3.06 19.38
C ASN C 96 -44.06 -1.87 18.54
N PRO C 97 -45.33 -1.89 18.08
CA PRO C 97 -45.82 -0.77 17.26
C PRO C 97 -45.76 0.57 17.95
N GLU C 98 -45.72 0.57 19.29
CA GLU C 98 -45.67 1.81 20.05
C GLU C 98 -44.25 2.38 20.09
N THR C 99 -43.25 1.51 19.97
CA THR C 99 -41.86 1.92 20.12
C THR C 99 -40.97 1.47 18.95
N SER C 100 -41.54 1.44 17.75
CA SER C 100 -40.78 1.03 16.58
C SER C 100 -41.28 1.73 15.31
N SER C 101 -40.52 1.56 14.22
CA SER C 101 -40.86 2.18 12.94
C SER C 101 -40.21 1.41 11.79
N THR C 102 -40.74 1.60 10.58
CA THR C 102 -40.20 0.96 9.39
C THR C 102 -39.12 1.84 8.76
N PRO C 103 -37.89 1.31 8.61
CA PRO C 103 -36.84 2.14 7.99
C PRO C 103 -37.18 2.55 6.57
N LYS C 104 -36.74 3.73 6.16
CA LYS C 104 -36.97 4.19 4.80
C LYS C 104 -36.16 3.33 3.83
N LYS C 105 -34.87 3.17 4.13
CA LYS C 105 -34.00 2.26 3.37
C LYS C 105 -33.55 1.13 4.28
N ASP C 106 -34.24 0.00 4.18
CA ASP C 106 -34.00 -1.14 5.06
C ASP C 106 -32.85 -2.00 4.53
N ILE C 107 -31.64 -1.45 4.57
CA ILE C 107 -30.46 -2.11 4.02
C ILE C 107 -30.21 -3.46 4.68
N ALA C 108 -30.44 -3.52 5.99
CA ALA C 108 -30.15 -4.72 6.78
C ALA C 108 -31.32 -5.69 6.82
N LYS C 109 -32.41 -5.34 6.15
CA LYS C 109 -33.59 -6.19 6.09
C LYS C 109 -34.08 -6.60 7.47
N ILE C 110 -34.24 -5.60 8.34
CA ILE C 110 -34.72 -5.83 9.70
C ILE C 110 -36.21 -5.54 9.83
N LYS C 111 -36.79 -5.02 8.75
CA LYS C 111 -38.23 -4.77 8.65
C LYS C 111 -38.69 -3.61 9.54
N THR C 112 -38.44 -3.73 10.84
CA THR C 112 -38.79 -2.67 11.79
C THR C 112 -37.64 -2.40 12.73
N ARG C 113 -37.42 -1.11 13.01
CA ARG C 113 -36.37 -0.68 13.93
C ARG C 113 -36.96 -0.02 15.17
N ALA C 114 -36.41 -0.34 16.33
CA ALA C 114 -36.83 0.28 17.58
C ALA C 114 -36.50 1.77 17.57
N ASN C 115 -37.29 2.55 18.30
CA ASN C 115 -37.06 3.99 18.39
C ASN C 115 -35.78 4.29 19.16
N ASP C 116 -35.48 3.45 20.14
CA ASP C 116 -34.30 3.62 20.99
C ASP C 116 -33.31 2.47 20.81
N ALA C 117 -32.09 2.68 21.29
CA ALA C 117 -31.07 1.65 21.29
C ALA C 117 -30.19 1.81 22.53
N ARG C 118 -29.79 0.69 23.11
CA ARG C 118 -28.90 0.69 24.25
C ARG C 118 -27.45 0.74 23.79
N VAL C 119 -26.74 1.78 24.22
CA VAL C 119 -25.32 1.94 23.90
C VAL C 119 -24.52 1.97 25.19
N PHE C 120 -23.20 1.97 25.07
CA PHE C 120 -22.31 1.94 26.23
C PHE C 120 -21.11 2.85 26.04
N LYS C 121 -20.96 3.80 26.97
CA LYS C 121 -19.74 4.60 27.03
C LYS C 121 -18.72 3.89 27.90
N VAL C 122 -17.54 3.63 27.35
CA VAL C 122 -16.49 2.91 28.07
C VAL C 122 -15.33 3.84 28.37
N PHE C 123 -14.84 3.76 29.61
CA PHE C 123 -13.77 4.63 30.09
C PHE C 123 -12.57 3.82 30.56
N ASP C 124 -11.38 4.40 30.45
CA ASP C 124 -10.17 3.73 30.93
C ASP C 124 -10.09 3.87 32.45
N ASP C 125 -8.97 3.42 33.01
CA ASP C 125 -8.79 3.45 34.47
C ASP C 125 -8.72 4.88 35.02
N SER C 126 -8.37 5.84 34.17
CA SER C 126 -8.25 7.23 34.59
C SER C 126 -9.60 7.94 34.58
N GLY C 127 -10.53 7.43 33.79
CA GLY C 127 -11.86 8.00 33.69
C GLY C 127 -12.13 8.62 32.34
N LYS C 128 -11.12 8.64 31.48
CA LYS C 128 -11.25 9.22 30.14
C LYS C 128 -11.97 8.25 29.21
N LEU C 129 -12.80 8.79 28.33
CA LEU C 129 -13.54 7.98 27.37
C LEU C 129 -12.59 7.18 26.49
N SER C 130 -12.82 5.87 26.45
CA SER C 130 -11.98 4.96 25.66
C SER C 130 -12.67 4.60 24.35
N SER C 131 -13.97 4.32 24.42
CA SER C 131 -14.75 4.00 23.25
C SER C 131 -16.24 4.06 23.56
N VAL C 132 -17.06 4.04 22.52
CA VAL C 132 -18.50 3.91 22.66
C VAL C 132 -18.93 2.66 21.93
N VAL C 133 -19.60 1.76 22.65
CA VAL C 133 -20.02 0.48 22.08
C VAL C 133 -21.48 0.55 21.69
N VAL C 134 -21.76 0.23 20.43
CA VAL C 134 -23.13 0.26 19.90
C VAL C 134 -23.51 -1.12 19.36
N PRO C 135 -24.79 -1.49 19.53
CA PRO C 135 -25.26 -2.76 18.97
C PRO C 135 -25.59 -2.64 17.49
N PHE C 136 -25.33 -3.69 16.73
CA PHE C 136 -25.75 -3.73 15.34
C PHE C 136 -26.25 -5.12 15.00
N TYR C 137 -27.20 -5.18 14.07
CA TYR C 137 -27.73 -6.45 13.63
C TYR C 137 -28.39 -6.30 12.28
N GLY C 138 -28.54 -7.42 11.59
CA GLY C 138 -29.12 -7.43 10.26
C GLY C 138 -29.17 -8.85 9.76
N LYS C 139 -29.91 -9.08 8.67
CA LYS C 139 -29.99 -10.42 8.10
C LYS C 139 -28.73 -10.76 7.34
N GLY C 140 -28.22 -11.97 7.56
CA GLY C 140 -27.12 -12.50 6.79
C GLY C 140 -27.62 -13.13 5.53
N LEU C 141 -27.30 -14.40 5.34
CA LEU C 141 -27.81 -15.16 4.21
C LEU C 141 -29.11 -15.88 4.61
N TRP C 142 -29.10 -16.48 5.79
CA TRP C 142 -30.21 -17.32 6.23
C TRP C 142 -30.68 -17.01 7.65
N SER C 143 -30.13 -15.96 8.26
CA SER C 143 -30.46 -15.64 9.63
C SER C 143 -30.09 -14.21 10.03
N MET C 144 -30.62 -13.78 11.17
CA MET C 144 -30.27 -12.51 11.76
C MET C 144 -28.97 -12.61 12.56
N ILE C 145 -28.03 -11.72 12.26
CA ILE C 145 -26.76 -11.66 12.95
C ILE C 145 -26.77 -10.53 13.96
N TYR C 146 -26.30 -10.80 15.18
CA TYR C 146 -26.24 -9.77 16.23
C TYR C 146 -24.82 -9.58 16.73
N GLY C 147 -24.42 -8.32 16.88
CA GLY C 147 -23.08 -8.01 17.34
C GLY C 147 -22.95 -6.64 17.98
N TYR C 148 -21.70 -6.30 18.32
CA TYR C 148 -21.37 -4.97 18.82
C TYR C 148 -20.20 -4.40 18.02
N VAL C 149 -20.18 -3.07 17.89
CA VAL C 149 -19.00 -2.37 17.38
C VAL C 149 -18.57 -1.33 18.40
N ALA C 150 -17.33 -1.45 18.87
CA ALA C 150 -16.72 -0.43 19.72
C ALA C 150 -16.02 0.59 18.84
N VAL C 151 -16.38 1.86 19.01
CA VAL C 151 -15.85 2.94 18.20
C VAL C 151 -15.05 3.90 19.06
N GLU C 152 -13.89 4.31 18.57
CA GLU C 152 -13.04 5.25 19.30
C GLU C 152 -13.70 6.63 19.35
N PRO C 153 -13.20 7.53 20.22
CA PRO C 153 -13.78 8.86 20.39
C PRO C 153 -13.67 9.76 19.15
N ASP C 154 -12.93 9.34 18.13
CA ASP C 154 -12.96 10.04 16.85
C ASP C 154 -14.21 9.62 16.07
N PHE C 155 -14.90 8.61 16.61
CA PHE C 155 -16.16 8.12 16.04
C PHE C 155 -16.00 7.68 14.60
N ASN C 156 -14.83 7.13 14.30
CA ASN C 156 -14.53 6.61 12.97
C ASN C 156 -13.72 5.31 13.09
N THR C 157 -12.66 5.35 13.88
CA THR C 157 -11.79 4.20 14.05
C THR C 157 -12.47 3.13 14.90
N ILE C 158 -12.43 1.89 14.44
CA ILE C 158 -13.01 0.77 15.15
C ILE C 158 -12.08 0.26 16.24
N LYS C 159 -12.58 0.23 17.47
CA LYS C 159 -11.82 -0.30 18.60
C LYS C 159 -11.94 -1.82 18.62
N GLY C 160 -13.07 -2.33 18.16
CA GLY C 160 -13.30 -3.75 18.09
C GLY C 160 -14.69 -4.11 17.61
N VAL C 161 -14.83 -5.33 17.09
CA VAL C 161 -16.11 -5.86 16.65
C VAL C 161 -16.33 -7.24 17.27
N VAL C 162 -17.55 -7.47 17.74
CA VAL C 162 -17.95 -8.77 18.27
C VAL C 162 -19.31 -9.17 17.72
N VAL C 163 -19.39 -10.37 17.15
CA VAL C 163 -20.67 -11.00 16.82
C VAL C 163 -20.89 -12.13 17.80
N TYR C 164 -22.08 -12.18 18.39
CA TYR C 164 -22.36 -13.12 19.49
C TYR C 164 -23.57 -14.00 19.24
N GLU C 165 -24.23 -13.83 18.11
CA GLU C 165 -25.43 -14.60 17.82
C GLU C 165 -25.74 -14.63 16.33
N HIS C 166 -26.00 -15.82 15.81
CA HIS C 166 -26.33 -15.99 14.40
C HIS C 166 -26.97 -17.36 14.16
N GLY C 167 -27.57 -17.52 12.98
CA GLY C 167 -28.18 -18.77 12.58
C GLY C 167 -27.71 -19.21 11.21
N GLU C 168 -26.51 -18.78 10.85
CA GLU C 168 -25.92 -19.14 9.57
C GLU C 168 -25.47 -20.60 9.59
N THR C 169 -25.21 -21.16 8.42
CA THR C 169 -24.84 -22.56 8.28
C THR C 169 -23.55 -22.87 9.05
N PRO C 170 -23.61 -23.78 10.04
CA PRO C 170 -22.41 -24.16 10.78
C PRO C 170 -21.29 -24.69 9.88
N GLY C 171 -20.07 -24.26 10.14
CA GLY C 171 -18.92 -24.65 9.34
C GLY C 171 -18.64 -23.67 8.22
N ILE C 172 -19.68 -22.97 7.75
CA ILE C 172 -19.57 -22.00 6.67
C ILE C 172 -19.75 -20.58 7.19
N GLY C 173 -20.93 -20.30 7.74
CA GLY C 173 -21.29 -18.94 8.11
C GLY C 173 -20.88 -18.53 9.50
N ASP C 174 -20.46 -19.49 10.32
CA ASP C 174 -20.15 -19.20 11.72
C ASP C 174 -18.75 -18.62 11.90
N PHE C 175 -18.14 -18.17 10.81
CA PHE C 175 -16.85 -17.51 10.90
C PHE C 175 -16.99 -16.17 11.62
N VAL C 176 -18.22 -15.66 11.70
CA VAL C 176 -18.46 -14.36 12.30
C VAL C 176 -18.14 -14.30 13.79
N THR C 177 -18.12 -15.47 14.45
CA THR C 177 -17.78 -15.53 15.87
C THR C 177 -16.32 -15.96 16.09
N ASP C 178 -15.55 -16.02 15.00
CA ASP C 178 -14.13 -16.34 15.06
C ASP C 178 -13.34 -15.09 15.43
N PRO C 179 -12.60 -15.12 16.57
CA PRO C 179 -11.83 -13.94 16.95
C PRO C 179 -10.73 -13.63 15.94
N HIS C 180 -10.31 -14.63 15.18
CA HIS C 180 -9.29 -14.43 14.15
C HIS C 180 -9.80 -13.51 13.05
N TRP C 181 -11.09 -13.65 12.73
CA TRP C 181 -11.71 -12.82 11.70
C TRP C 181 -12.15 -11.48 12.28
N LEU C 182 -12.71 -11.51 13.49
CA LEU C 182 -13.21 -10.30 14.13
C LEU C 182 -12.07 -9.32 14.42
N SER C 183 -10.90 -9.85 14.74
CA SER C 183 -9.74 -9.03 15.08
C SER C 183 -9.28 -8.19 13.89
N LEU C 184 -9.64 -8.62 12.68
CA LEU C 184 -9.28 -7.89 11.47
C LEU C 184 -9.91 -6.50 11.44
N TRP C 185 -10.99 -6.32 12.18
CA TRP C 185 -11.74 -5.07 12.16
C TRP C 185 -11.05 -3.96 12.95
N LYS C 186 -10.22 -4.33 13.92
CA LYS C 186 -9.54 -3.35 14.76
C LYS C 186 -8.68 -2.40 13.93
N GLY C 187 -8.85 -1.11 14.19
CA GLY C 187 -8.05 -0.09 13.53
C GLY C 187 -8.66 0.41 12.24
N LYS C 188 -9.61 -0.34 11.70
CA LYS C 188 -10.29 0.05 10.47
C LYS C 188 -11.15 1.28 10.73
N GLN C 189 -11.52 1.97 9.65
CA GLN C 189 -12.32 3.20 9.75
C GLN C 189 -13.67 3.06 9.06
N LEU C 190 -14.72 3.34 9.81
CA LEU C 190 -16.10 3.17 9.33
C LEU C 190 -16.45 4.10 8.18
N PHE C 191 -15.92 5.31 8.18
CA PHE C 191 -16.32 6.35 7.24
C PHE C 191 -15.16 6.85 6.39
N ASP C 192 -15.47 7.38 5.22
CA ASP C 192 -14.49 8.07 4.40
C ASP C 192 -14.33 9.50 4.88
N ASP C 193 -13.57 10.30 4.14
CA ASP C 193 -13.30 11.68 4.53
C ASP C 193 -14.56 12.55 4.50
N LYS C 194 -15.61 12.04 3.87
CA LYS C 194 -16.85 12.80 3.71
C LYS C 194 -17.98 12.27 4.57
N GLY C 195 -17.64 11.34 5.48
CA GLY C 195 -18.60 10.85 6.46
C GLY C 195 -19.55 9.79 5.94
N LYS C 196 -19.25 9.23 4.78
CA LYS C 196 -20.04 8.14 4.20
C LYS C 196 -19.47 6.81 4.65
N PHE C 197 -20.33 5.87 5.04
CA PHE C 197 -19.90 4.53 5.40
C PHE C 197 -19.12 3.90 4.25
N ALA C 198 -17.97 3.32 4.55
CA ALA C 198 -17.00 2.95 3.52
C ALA C 198 -16.44 1.54 3.66
N MET C 199 -16.78 0.83 4.74
CA MET C 199 -16.26 -0.51 4.95
C MET C 199 -16.74 -1.47 3.85
N ARG C 200 -15.81 -2.27 3.34
CA ARG C 200 -16.10 -3.27 2.32
C ARG C 200 -15.50 -4.61 2.73
N LEU C 201 -16.17 -5.70 2.38
CA LEU C 201 -15.57 -7.02 2.49
C LEU C 201 -14.98 -7.42 1.14
N VAL C 202 -13.70 -7.77 1.16
CA VAL C 202 -12.93 -7.94 -0.07
C VAL C 202 -12.51 -9.38 -0.27
N LYS C 203 -12.56 -9.82 -1.53
CA LYS C 203 -12.09 -11.13 -1.93
C LYS C 203 -10.68 -11.04 -2.49
N GLY C 204 -9.84 -12.01 -2.17
CA GLY C 204 -8.51 -12.10 -2.74
C GLY C 204 -7.46 -11.35 -1.93
N GLY C 205 -7.71 -11.20 -0.64
CA GLY C 205 -6.74 -10.61 0.27
C GLY C 205 -6.91 -9.11 0.48
N VAL C 206 -6.65 -8.68 1.71
CA VAL C 206 -6.68 -7.27 2.07
C VAL C 206 -5.34 -6.88 2.68
N LYS C 207 -4.88 -5.68 2.36
CA LYS C 207 -3.60 -5.17 2.86
C LYS C 207 -3.82 -4.38 4.15
N GLU C 208 -2.76 -4.31 4.97
CA GLU C 208 -2.84 -3.65 6.27
C GLU C 208 -3.21 -2.18 6.15
N GLY C 209 -2.79 -1.55 5.05
CA GLY C 209 -3.05 -0.14 4.84
C GLY C 209 -4.45 0.16 4.33
N ASP C 210 -5.19 -0.89 3.96
CA ASP C 210 -6.56 -0.73 3.50
C ASP C 210 -7.50 -0.50 4.68
N ILE C 211 -7.69 0.78 5.03
CA ILE C 211 -8.42 1.13 6.23
C ILE C 211 -9.90 0.77 6.16
N HIS C 212 -10.40 0.57 4.95
CA HIS C 212 -11.83 0.30 4.74
C HIS C 212 -12.10 -1.13 4.27
N GLY C 213 -11.08 -1.98 4.35
CA GLY C 213 -11.19 -3.34 3.85
C GLY C 213 -11.01 -4.40 4.92
N VAL C 214 -11.86 -5.42 4.87
CA VAL C 214 -11.75 -6.58 5.75
C VAL C 214 -11.92 -7.84 4.90
N ASP C 215 -11.06 -8.83 5.15
CA ASP C 215 -11.03 -10.05 4.35
C ASP C 215 -12.38 -10.77 4.37
N ALA C 216 -12.87 -11.11 3.18
CA ALA C 216 -14.02 -12.00 3.05
C ALA C 216 -13.57 -13.43 3.29
N VAL C 217 -14.47 -14.26 3.79
CA VAL C 217 -14.17 -15.67 4.02
C VAL C 217 -14.65 -16.50 2.84
N SER C 218 -13.71 -17.13 2.14
CA SER C 218 -14.00 -17.85 0.91
C SER C 218 -15.02 -18.96 1.19
N GLY C 219 -16.06 -19.03 0.36
CA GLY C 219 -17.13 -20.00 0.56
C GLY C 219 -18.21 -19.48 1.49
N ALA C 220 -17.91 -18.37 2.17
CA ALA C 220 -18.85 -17.73 3.08
C ALA C 220 -18.95 -16.23 2.79
N THR C 221 -19.08 -15.89 1.51
CA THR C 221 -19.09 -14.50 1.07
C THR C 221 -20.39 -13.79 1.40
N MET C 222 -21.51 -14.50 1.26
CA MET C 222 -22.82 -13.89 1.42
CA MET C 222 -22.84 -13.91 1.43
C MET C 222 -23.12 -13.53 2.87
N THR C 223 -22.62 -14.34 3.80
CA THR C 223 -22.76 -14.01 5.22
C THR C 223 -22.03 -12.71 5.52
N GLY C 224 -20.84 -12.58 4.96
CA GLY C 224 -20.01 -11.40 5.17
C GLY C 224 -20.65 -10.11 4.68
N ARG C 225 -21.33 -10.20 3.52
CA ARG C 225 -22.01 -9.03 2.96
C ARG C 225 -23.19 -8.63 3.83
N GLY C 226 -23.80 -9.62 4.49
CA GLY C 226 -24.86 -9.36 5.43
C GLY C 226 -24.36 -8.59 6.63
N VAL C 227 -23.18 -8.96 7.11
CA VAL C 227 -22.52 -8.23 8.19
C VAL C 227 -22.21 -6.81 7.74
N GLN C 228 -21.71 -6.69 6.51
CA GLN C 228 -21.38 -5.39 5.92
C GLN C 228 -22.62 -4.50 5.84
N ARG C 229 -23.72 -5.07 5.33
CA ARG C 229 -24.95 -4.32 5.19
C ARG C 229 -25.56 -3.98 6.55
N ALA C 230 -25.29 -4.83 7.54
CA ALA C 230 -25.76 -4.58 8.90
C ALA C 230 -25.09 -3.34 9.47
N MET C 231 -23.79 -3.23 9.24
CA MET C 231 -23.04 -2.05 9.66
C MET C 231 -23.41 -0.84 8.81
N GLU C 232 -23.61 -1.06 7.51
CA GLU C 232 -23.98 0.02 6.60
C GLU C 232 -25.24 0.73 7.07
N PHE C 233 -26.18 -0.03 7.60
CA PHE C 233 -27.43 0.54 8.09
C PHE C 233 -27.25 1.27 9.42
N TRP C 234 -26.64 0.58 10.38
CA TRP C 234 -26.56 1.08 11.74
C TRP C 234 -25.56 2.22 11.89
N PHE C 235 -24.67 2.37 10.92
CA PHE C 235 -23.77 3.51 10.89
C PHE C 235 -24.14 4.45 9.75
N GLY C 236 -25.42 4.42 9.38
CA GLY C 236 -25.96 5.28 8.34
C GLY C 236 -26.91 6.30 8.92
N VAL C 237 -27.61 7.02 8.04
CA VAL C 237 -28.50 8.11 8.43
C VAL C 237 -29.60 7.66 9.41
N GLU C 238 -30.02 6.40 9.31
CA GLU C 238 -31.08 5.87 10.16
C GLU C 238 -30.53 5.05 11.32
N GLY C 239 -29.25 5.21 11.62
CA GLY C 239 -28.60 4.48 12.69
C GLY C 239 -28.07 5.40 13.78
N PHE C 240 -26.77 5.31 14.04
CA PHE C 240 -26.15 6.06 15.13
C PHE C 240 -25.45 7.33 14.66
N GLN C 241 -25.72 7.75 13.43
CA GLN C 241 -25.06 8.93 12.88
C GLN C 241 -25.46 10.18 13.65
N THR C 242 -26.75 10.29 13.98
CA THR C 242 -27.25 11.44 14.72
C THR C 242 -26.69 11.44 16.15
N PHE C 243 -26.65 10.27 16.76
CA PHE C 243 -26.13 10.14 18.12
C PHE C 243 -24.64 10.46 18.17
N PHE C 244 -23.91 10.06 17.13
CA PHE C 244 -22.49 10.36 17.07
C PHE C 244 -22.26 11.85 16.85
N ASN C 245 -23.08 12.47 16.00
CA ASN C 245 -22.99 13.91 15.78
C ASN C 245 -23.22 14.69 17.07
N GLN C 246 -24.18 14.22 17.86
CA GLN C 246 -24.47 14.81 19.16
C GLN C 246 -23.26 14.77 20.08
N LEU C 247 -22.58 13.62 20.13
CA LEU C 247 -21.43 13.44 21.01
C LEU C 247 -20.26 14.33 20.58
N LYS C 248 -20.12 14.55 19.28
CA LYS C 248 -19.11 15.45 18.76
C LYS C 248 -19.38 16.86 19.24
N ALA C 249 -20.65 17.25 19.22
CA ALA C 249 -21.06 18.57 19.66
C ALA C 249 -20.75 18.77 21.14
N SER C 250 -20.97 17.73 21.93
CA SER C 250 -20.73 17.80 23.37
C SER C 250 -19.25 17.61 23.67
N LYS D 33 13.06 -27.42 6.45
CA LYS D 33 13.10 -27.15 5.02
C LYS D 33 13.38 -25.68 4.74
N LEU D 34 12.55 -24.82 5.30
CA LEU D 34 12.77 -23.38 5.22
C LEU D 34 14.12 -23.06 5.87
N ALA D 35 14.48 -23.86 6.86
CA ALA D 35 15.78 -23.73 7.52
C ALA D 35 16.90 -24.21 6.61
N LYS D 36 16.67 -25.33 5.93
CA LYS D 36 17.64 -25.87 4.98
C LYS D 36 17.93 -24.85 3.89
N LYS D 37 16.84 -24.38 3.28
CA LYS D 37 16.90 -23.37 2.22
C LYS D 37 17.65 -22.13 2.68
N ARG D 38 17.46 -21.75 3.93
CA ARG D 38 18.11 -20.56 4.49
C ARG D 38 19.62 -20.77 4.57
N ASP D 39 20.04 -21.96 5.02
CA ASP D 39 21.45 -22.29 5.10
C ASP D 39 22.07 -22.40 3.71
N GLU D 40 21.36 -23.07 2.80
CA GLU D 40 21.78 -23.13 1.41
C GLU D 40 22.07 -21.73 0.88
N LEU D 41 21.07 -20.86 0.99
CA LEU D 41 21.19 -19.48 0.55
C LEU D 41 22.47 -18.83 1.04
N GLN D 42 22.67 -18.82 2.35
CA GLN D 42 23.83 -18.18 2.96
C GLN D 42 25.13 -18.76 2.42
N ARG D 43 25.20 -20.09 2.31
CA ARG D 43 26.37 -20.73 1.74
CA ARG D 43 26.36 -20.75 1.74
C ARG D 43 26.60 -20.28 0.30
N TYR D 44 25.55 -20.38 -0.52
CA TYR D 44 25.66 -20.03 -1.94
C TYR D 44 26.06 -18.57 -2.16
N VAL D 45 25.50 -17.67 -1.37
CA VAL D 45 25.81 -16.24 -1.51
C VAL D 45 27.28 -16.00 -1.21
N LEU D 46 27.77 -16.56 -0.11
CA LEU D 46 29.17 -16.39 0.27
C LEU D 46 30.09 -17.06 -0.73
N MET D 47 29.67 -18.21 -1.25
CA MET D 47 30.43 -18.94 -2.25
C MET D 47 30.65 -18.10 -3.51
N ALA D 48 29.58 -17.48 -3.98
CA ALA D 48 29.67 -16.62 -5.16
C ALA D 48 30.55 -15.40 -4.88
N ALA D 49 30.47 -14.90 -3.64
CA ALA D 49 31.25 -13.73 -3.24
C ALA D 49 32.70 -14.08 -2.97
N ASP D 50 33.03 -15.37 -3.01
CA ASP D 50 34.37 -15.85 -2.74
C ASP D 50 34.79 -15.53 -1.30
N VAL D 51 33.86 -15.75 -0.37
CA VAL D 51 34.13 -15.60 1.06
C VAL D 51 34.20 -16.98 1.69
N ASN D 52 35.23 -17.22 2.50
CA ASN D 52 35.42 -18.51 3.16
C ASN D 52 34.25 -18.84 4.10
N LEU D 53 33.66 -20.01 3.88
CA LEU D 53 32.48 -20.43 4.66
C LEU D 53 32.86 -20.84 6.08
N GLY D 54 34.16 -20.90 6.34
CA GLY D 54 34.65 -21.20 7.68
C GLY D 54 34.38 -22.63 8.09
N GLN D 55 34.49 -22.89 9.39
CA GLN D 55 34.35 -24.23 9.93
C GLN D 55 32.92 -24.51 10.37
N GLY D 56 32.42 -25.69 10.00
CA GLY D 56 31.09 -26.12 10.41
C GLY D 56 29.99 -25.15 10.08
N ASN D 57 29.27 -24.71 11.11
CA ASN D 57 28.14 -23.81 10.94
C ASN D 57 28.54 -22.35 11.16
N GLU D 58 29.82 -22.06 11.04
CA GLU D 58 30.33 -20.70 11.23
C GLU D 58 29.78 -19.76 10.15
N PHE D 59 29.50 -20.32 8.98
CA PHE D 59 29.06 -19.52 7.84
C PHE D 59 27.86 -18.63 8.17
N ARG D 60 27.07 -19.04 9.15
CA ARG D 60 25.94 -18.22 9.60
C ARG D 60 26.45 -16.92 10.21
N ASP D 61 27.54 -17.01 10.98
CA ASP D 61 28.14 -15.83 11.59
C ASP D 61 28.86 -15.00 10.53
N ILE D 62 29.41 -15.66 9.53
CA ILE D 62 30.09 -14.99 8.43
C ILE D 62 29.08 -14.12 7.69
N PHE D 63 27.94 -14.71 7.35
CA PHE D 63 26.88 -14.03 6.62
C PHE D 63 26.36 -12.82 7.39
N ALA D 64 26.10 -13.01 8.68
CA ALA D 64 25.45 -11.99 9.50
C ALA D 64 26.28 -10.71 9.63
N LYS D 65 27.60 -10.87 9.70
CA LYS D 65 28.49 -9.73 9.85
C LYS D 65 28.82 -9.08 8.50
N SER D 66 29.07 -9.92 7.49
CA SER D 66 29.65 -9.46 6.24
C SER D 66 28.62 -9.13 5.15
N VAL D 67 27.40 -9.65 5.30
CA VAL D 67 26.39 -9.54 4.24
C VAL D 67 25.19 -8.70 4.67
N LYS D 68 24.72 -7.86 3.75
CA LYS D 68 23.54 -7.02 3.93
C LYS D 68 22.48 -7.39 2.90
N PRO D 69 21.56 -8.29 3.26
CA PRO D 69 20.47 -8.65 2.35
C PRO D 69 19.51 -7.48 2.14
N LEU D 70 19.13 -7.25 0.88
CA LEU D 70 18.29 -6.12 0.53
C LEU D 70 17.21 -6.54 -0.46
N LEU D 71 16.02 -5.99 -0.28
CA LEU D 71 14.94 -6.15 -1.24
C LEU D 71 14.91 -4.92 -2.14
N ILE D 72 14.99 -5.15 -3.44
CA ILE D 72 15.16 -4.08 -4.43
C ILE D 72 13.98 -4.01 -5.37
N ASN D 73 13.46 -2.81 -5.58
CA ASN D 73 12.50 -2.56 -6.66
C ASN D 73 13.25 -2.46 -7.98
N LEU D 74 12.97 -3.40 -8.89
CA LEU D 74 13.74 -3.52 -10.12
C LEU D 74 13.51 -2.35 -11.07
N ASP D 75 12.27 -1.86 -11.14
CA ASP D 75 11.95 -0.78 -12.06
C ASP D 75 12.65 0.52 -11.70
N THR D 76 12.78 0.78 -10.40
CA THR D 76 13.38 2.03 -9.92
C THR D 76 14.80 1.83 -9.41
N GLY D 77 15.08 0.62 -8.93
CA GLY D 77 16.37 0.31 -8.33
C GLY D 77 16.46 0.70 -6.87
N LYS D 78 15.31 1.10 -6.31
CA LYS D 78 15.24 1.56 -4.92
C LYS D 78 15.02 0.40 -3.95
N VAL D 79 15.44 0.60 -2.70
CA VAL D 79 15.31 -0.43 -1.67
C VAL D 79 13.88 -0.47 -1.14
N ASP D 80 13.31 -1.67 -1.09
CA ASP D 80 11.99 -1.90 -0.50
C ASP D 80 12.13 -2.56 0.87
N SER D 81 11.16 -2.30 1.74
CA SER D 81 11.21 -2.80 3.11
C SER D 81 10.48 -4.13 3.24
N ASP D 82 11.09 -5.04 4.00
CA ASP D 82 10.45 -6.32 4.31
C ASP D 82 10.86 -6.75 5.71
N ALA D 83 9.91 -7.29 6.46
CA ALA D 83 10.17 -7.75 7.82
C ALA D 83 11.14 -8.91 7.82
N ASN D 84 11.01 -9.79 6.83
CA ASN D 84 11.90 -10.94 6.67
C ASN D 84 12.42 -11.04 5.24
N VAL D 85 13.56 -10.41 4.99
CA VAL D 85 14.15 -10.39 3.66
C VAL D 85 14.68 -11.77 3.27
N LEU D 86 15.38 -12.43 4.18
CA LEU D 86 15.98 -13.73 3.89
C LEU D 86 14.95 -14.80 3.58
N ASP D 87 13.73 -14.62 4.09
CA ASP D 87 12.66 -15.59 3.88
C ASP D 87 11.65 -15.11 2.84
N PHE D 88 12.00 -14.04 2.13
CA PHE D 88 11.17 -13.52 1.06
C PHE D 88 11.02 -14.57 -0.03
N ASP D 89 9.78 -14.91 -0.38
CA ASP D 89 9.49 -15.95 -1.38
C ASP D 89 9.57 -15.38 -2.78
N GLU D 90 10.73 -15.55 -3.41
CA GLU D 90 10.96 -15.07 -4.76
C GLU D 90 10.01 -15.70 -5.76
N ARG D 91 9.75 -17.00 -5.57
CA ARG D 91 8.90 -17.75 -6.48
CA ARG D 91 8.90 -17.75 -6.47
C ARG D 91 7.46 -17.27 -6.42
N MET D 92 6.95 -17.12 -5.21
CA MET D 92 5.58 -16.66 -4.99
C MET D 92 5.39 -15.24 -5.50
N ALA D 93 6.43 -14.43 -5.39
CA ALA D 93 6.36 -13.02 -5.77
C ALA D 93 6.34 -12.85 -7.28
N ALA D 94 6.94 -13.79 -7.99
CA ALA D 94 7.02 -13.73 -9.44
C ALA D 94 5.68 -14.04 -10.10
N ILE D 95 4.87 -14.86 -9.44
CA ILE D 95 3.62 -15.35 -10.01
C ILE D 95 2.39 -14.59 -9.51
N ASN D 96 2.54 -13.89 -8.38
CA ASN D 96 1.45 -13.10 -7.83
C ASN D 96 1.19 -11.86 -8.69
N PRO D 97 -0.02 -11.75 -9.29
CA PRO D 97 -0.32 -10.64 -10.21
C PRO D 97 -0.11 -9.25 -9.63
N GLU D 98 -0.22 -9.12 -8.31
CA GLU D 98 -0.11 -7.82 -7.66
C GLU D 98 1.33 -7.43 -7.36
N THR D 99 2.27 -8.35 -7.59
CA THR D 99 3.68 -8.08 -7.33
C THR D 99 4.56 -8.59 -8.48
N SER D 100 4.00 -8.59 -9.69
CA SER D 100 4.72 -9.07 -10.86
C SER D 100 4.20 -8.44 -12.14
N SER D 101 4.93 -8.65 -13.23
CA SER D 101 4.52 -8.13 -14.53
C SER D 101 5.11 -9.00 -15.65
N THR D 102 4.63 -8.79 -16.88
CA THR D 102 5.09 -9.54 -18.02
C THR D 102 6.28 -8.82 -18.68
N PRO D 103 7.42 -9.52 -18.82
CA PRO D 103 8.57 -8.88 -19.47
C PRO D 103 8.28 -8.44 -20.90
N LYS D 104 8.78 -7.27 -21.28
CA LYS D 104 8.63 -6.77 -22.64
C LYS D 104 9.37 -7.70 -23.61
N LYS D 105 10.66 -7.83 -23.41
CA LYS D 105 11.49 -8.78 -24.16
C LYS D 105 11.89 -9.92 -23.23
N ASP D 106 11.08 -10.97 -23.23
CA ASP D 106 11.27 -12.09 -22.31
C ASP D 106 12.36 -13.05 -22.82
N ILE D 107 13.60 -12.56 -22.80
CA ILE D 107 14.74 -13.30 -23.33
C ILE D 107 14.95 -14.62 -22.58
N ALA D 108 14.71 -14.60 -21.28
CA ALA D 108 14.92 -15.76 -20.43
C ALA D 108 13.72 -16.69 -20.41
N LYS D 109 12.64 -16.29 -21.09
CA LYS D 109 11.43 -17.09 -21.16
C LYS D 109 10.89 -17.43 -19.77
N ILE D 110 10.82 -16.42 -18.91
CA ILE D 110 10.32 -16.60 -17.55
C ILE D 110 8.84 -16.25 -17.45
N LYS D 111 8.29 -15.67 -18.51
CA LYS D 111 6.85 -15.41 -18.63
C LYS D 111 6.34 -14.32 -17.69
N THR D 112 6.80 -14.32 -16.45
CA THR D 112 6.43 -13.29 -15.49
CA THR D 112 6.43 -13.28 -15.50
C THR D 112 7.62 -12.94 -14.61
N ARG D 113 7.81 -11.64 -14.35
CA ARG D 113 8.91 -11.17 -13.52
C ARG D 113 8.37 -10.48 -12.27
N ALA D 114 8.94 -10.83 -11.12
CA ALA D 114 8.59 -10.17 -9.87
C ALA D 114 9.00 -8.70 -9.93
N ASN D 115 8.24 -7.85 -9.25
CA ASN D 115 8.58 -6.44 -9.17
C ASN D 115 9.86 -6.23 -8.38
N ASP D 116 10.05 -7.05 -7.34
CA ASP D 116 11.19 -6.93 -6.45
C ASP D 116 12.15 -8.10 -6.59
N ALA D 117 13.41 -7.86 -6.25
CA ALA D 117 14.44 -8.90 -6.25
C ALA D 117 15.31 -8.77 -5.02
N ARG D 118 15.60 -9.90 -4.38
CA ARG D 118 16.46 -9.91 -3.22
C ARG D 118 17.92 -9.98 -3.64
N VAL D 119 18.71 -9.00 -3.20
CA VAL D 119 20.13 -8.94 -3.49
C VAL D 119 20.92 -8.91 -2.18
N PHE D 120 22.25 -8.97 -2.30
CA PHE D 120 23.11 -9.00 -1.12
C PHE D 120 24.36 -8.17 -1.33
N LYS D 121 24.56 -7.16 -0.48
CA LYS D 121 25.81 -6.40 -0.48
C LYS D 121 26.81 -7.08 0.44
N VAL D 122 27.99 -7.39 -0.10
CA VAL D 122 29.02 -8.11 0.63
C VAL D 122 30.22 -7.20 0.92
N PHE D 123 30.68 -7.21 2.17
CA PHE D 123 31.75 -6.33 2.61
C PHE D 123 32.93 -7.15 3.15
N ASP D 124 34.14 -6.63 2.96
CA ASP D 124 35.32 -7.27 3.54
C ASP D 124 35.42 -6.89 5.01
N ASP D 125 36.45 -7.40 5.69
CA ASP D 125 36.59 -7.20 7.13
C ASP D 125 36.84 -5.74 7.51
N SER D 126 37.26 -4.93 6.54
CA SER D 126 37.51 -3.51 6.79
C SER D 126 36.23 -2.71 6.69
N GLY D 127 35.18 -3.33 6.15
CA GLY D 127 33.88 -2.69 6.02
C GLY D 127 33.65 -2.09 4.65
N LYS D 128 34.52 -2.43 3.70
CA LYS D 128 34.46 -1.91 2.34
C LYS D 128 33.70 -2.89 1.44
N LEU D 129 32.89 -2.37 0.54
CA LEU D 129 32.09 -3.19 -0.36
C LEU D 129 32.97 -4.10 -1.23
N SER D 130 32.74 -5.40 -1.13
CA SER D 130 33.53 -6.40 -1.84
C SER D 130 32.82 -6.83 -3.12
N SER D 131 31.52 -7.04 -3.03
CA SER D 131 30.72 -7.43 -4.18
C SER D 131 29.24 -7.27 -3.88
N VAL D 132 28.44 -7.22 -4.93
CA VAL D 132 26.99 -7.28 -4.82
C VAL D 132 26.52 -8.57 -5.49
N VAL D 133 25.77 -9.38 -4.76
CA VAL D 133 25.30 -10.67 -5.25
C VAL D 133 23.84 -10.56 -5.66
N VAL D 134 23.56 -10.92 -6.90
CA VAL D 134 22.21 -10.82 -7.46
C VAL D 134 21.74 -12.18 -7.98
N PRO D 135 20.44 -12.46 -7.85
CA PRO D 135 19.88 -13.71 -8.37
C PRO D 135 19.53 -13.62 -9.86
N PHE D 136 19.83 -14.68 -10.60
CA PHE D 136 19.39 -14.77 -11.99
C PHE D 136 18.77 -16.12 -12.21
N TYR D 137 17.84 -16.20 -13.16
CA TYR D 137 17.28 -17.47 -13.55
C TYR D 137 16.63 -17.37 -14.91
N GLY D 138 16.55 -18.50 -15.60
CA GLY D 138 16.00 -18.55 -16.94
C GLY D 138 15.69 -19.97 -17.37
N LYS D 139 14.93 -20.09 -18.46
CA LYS D 139 14.54 -21.38 -18.99
C LYS D 139 15.72 -22.11 -19.61
N GLY D 140 15.95 -23.35 -19.18
CA GLY D 140 16.95 -24.20 -19.78
C GLY D 140 16.31 -25.10 -20.81
N LEU D 141 16.88 -26.28 -21.03
CA LEU D 141 16.30 -27.23 -21.97
C LEU D 141 15.04 -27.84 -21.38
N TRP D 142 15.12 -28.26 -20.13
CA TRP D 142 14.04 -28.98 -19.47
C TRP D 142 13.30 -28.11 -18.46
N SER D 143 14.05 -27.24 -17.78
CA SER D 143 13.54 -26.58 -16.59
C SER D 143 14.12 -25.18 -16.40
N MET D 144 13.66 -24.51 -15.35
CA MET D 144 14.22 -23.24 -14.93
C MET D 144 15.52 -23.48 -14.17
N ILE D 145 16.53 -22.68 -14.50
CA ILE D 145 17.82 -22.75 -13.82
C ILE D 145 17.95 -21.54 -12.92
N TYR D 146 18.28 -21.76 -11.66
CA TYR D 146 18.43 -20.68 -10.67
C TYR D 146 19.84 -20.61 -10.13
N GLY D 147 20.37 -19.39 -10.05
CA GLY D 147 21.72 -19.17 -9.57
C GLY D 147 21.96 -17.76 -9.06
N TYR D 148 23.23 -17.46 -8.77
CA TYR D 148 23.64 -16.13 -8.31
C TYR D 148 24.89 -15.66 -9.06
N VAL D 149 24.98 -14.37 -9.32
CA VAL D 149 26.20 -13.75 -9.83
C VAL D 149 26.69 -12.70 -8.85
N ALA D 150 27.90 -12.89 -8.33
CA ALA D 150 28.55 -11.89 -7.51
C ALA D 150 29.34 -10.94 -8.41
N VAL D 151 28.97 -9.66 -8.37
CA VAL D 151 29.60 -8.65 -9.21
C VAL D 151 30.45 -7.73 -8.36
N GLU D 152 31.64 -7.37 -8.86
CA GLU D 152 32.52 -6.44 -8.17
C GLU D 152 31.90 -5.04 -8.17
N PRO D 153 32.44 -4.12 -7.34
CA PRO D 153 31.89 -2.77 -7.22
C PRO D 153 31.99 -1.93 -8.49
N ASP D 154 32.70 -2.41 -9.51
CA ASP D 154 32.68 -1.76 -10.82
C ASP D 154 31.41 -2.16 -11.57
N PHE D 155 30.68 -3.12 -10.99
CA PHE D 155 29.41 -3.60 -11.53
C PHE D 155 29.58 -4.06 -12.98
N ASN D 156 30.64 -4.84 -13.21
CA ASN D 156 30.96 -5.35 -14.52
C ASN D 156 31.75 -6.65 -14.39
N THR D 157 32.83 -6.59 -13.63
CA THR D 157 33.67 -7.76 -13.39
C THR D 157 32.94 -8.77 -12.52
N ILE D 158 32.99 -10.03 -12.94
CA ILE D 158 32.35 -11.12 -12.21
C ILE D 158 33.27 -11.64 -11.11
N LYS D 159 32.76 -11.62 -9.88
CA LYS D 159 33.49 -12.15 -8.73
C LYS D 159 33.26 -13.65 -8.60
N GLY D 160 32.08 -14.10 -9.01
CA GLY D 160 31.76 -15.51 -9.01
C GLY D 160 30.35 -15.82 -9.48
N VAL D 161 30.15 -17.06 -9.92
CA VAL D 161 28.83 -17.53 -10.34
C VAL D 161 28.53 -18.86 -9.68
N VAL D 162 27.28 -19.06 -9.27
CA VAL D 162 26.85 -20.32 -8.70
CA VAL D 162 26.84 -20.32 -8.69
C VAL D 162 25.42 -20.65 -9.16
N VAL D 163 25.15 -21.95 -9.31
CA VAL D 163 23.82 -22.43 -9.64
C VAL D 163 23.42 -23.42 -8.55
N TYR D 164 22.28 -23.17 -7.92
CA TYR D 164 21.86 -23.97 -6.77
C TYR D 164 20.63 -24.83 -7.06
N GLU D 165 19.98 -24.61 -8.20
CA GLU D 165 18.78 -25.37 -8.53
C GLU D 165 18.52 -25.45 -10.03
N HIS D 166 18.20 -26.65 -10.49
CA HIS D 166 17.89 -26.90 -11.89
C HIS D 166 17.19 -28.23 -12.02
N GLY D 167 16.75 -28.54 -13.24
CA GLY D 167 16.09 -29.80 -13.52
C GLY D 167 16.56 -30.40 -14.84
N GLU D 168 17.75 -30.00 -15.27
CA GLU D 168 18.33 -30.54 -16.49
C GLU D 168 18.78 -31.98 -16.25
N THR D 169 19.21 -32.66 -17.31
CA THR D 169 19.58 -34.07 -17.22
C THR D 169 20.90 -34.28 -16.49
N PRO D 170 20.90 -35.12 -15.44
CA PRO D 170 22.16 -35.48 -14.79
C PRO D 170 23.19 -36.04 -15.78
N GLY D 171 24.41 -35.51 -15.71
CA GLY D 171 25.49 -35.93 -16.59
C GLY D 171 25.59 -35.11 -17.85
N ILE D 172 24.54 -34.36 -18.19
CA ILE D 172 24.53 -33.54 -19.40
C ILE D 172 24.35 -32.07 -19.07
N GLY D 173 23.16 -31.70 -18.63
CA GLY D 173 22.84 -30.30 -18.36
C GLY D 173 23.22 -29.85 -16.96
N ASP D 174 23.53 -30.80 -16.08
CA ASP D 174 23.85 -30.46 -14.71
C ASP D 174 25.30 -29.99 -14.56
N PHE D 175 25.93 -29.65 -15.67
CA PHE D 175 27.27 -29.08 -15.63
C PHE D 175 27.25 -27.69 -15.00
N VAL D 176 26.07 -27.06 -15.02
CA VAL D 176 25.93 -25.72 -14.48
C VAL D 176 26.17 -25.67 -12.97
N THR D 177 26.16 -26.82 -12.32
CA THR D 177 26.46 -26.92 -10.90
C THR D 177 27.88 -27.44 -10.65
N ASP D 178 28.60 -27.75 -11.73
CA ASP D 178 29.99 -28.21 -11.61
C ASP D 178 30.88 -27.02 -11.27
N PRO D 179 31.51 -27.04 -10.08
CA PRO D 179 32.34 -25.89 -9.68
C PRO D 179 33.52 -25.61 -10.61
N HIS D 180 33.99 -26.63 -11.33
CA HIS D 180 35.06 -26.44 -12.30
C HIS D 180 34.61 -25.51 -13.41
N TRP D 181 33.39 -25.71 -13.89
CA TRP D 181 32.85 -24.88 -14.97
C TRP D 181 32.48 -23.49 -14.44
N LEU D 182 31.85 -23.45 -13.27
CA LEU D 182 31.45 -22.19 -12.66
C LEU D 182 32.64 -21.26 -12.43
N SER D 183 33.80 -21.86 -12.18
CA SER D 183 35.00 -21.09 -11.87
C SER D 183 35.53 -20.36 -13.10
N LEU D 184 35.04 -20.74 -14.28
CA LEU D 184 35.48 -20.12 -15.52
C LEU D 184 34.97 -18.69 -15.64
N TRP D 185 33.94 -18.36 -14.88
CA TRP D 185 33.33 -17.04 -14.97
C TRP D 185 34.11 -15.99 -14.20
N LYS D 186 34.92 -16.44 -13.25
CA LYS D 186 35.65 -15.54 -12.36
C LYS D 186 36.55 -14.59 -13.15
N GLY D 187 36.34 -13.29 -12.97
CA GLY D 187 37.16 -12.28 -13.61
C GLY D 187 36.63 -11.79 -14.95
N LYS D 188 35.64 -12.50 -15.48
CA LYS D 188 35.01 -12.12 -16.75
C LYS D 188 34.23 -10.82 -16.57
N GLN D 189 33.83 -10.19 -17.68
CA GLN D 189 33.11 -8.92 -17.63
C GLN D 189 31.76 -9.01 -18.34
N LEU D 190 30.71 -8.59 -17.64
CA LEU D 190 29.35 -8.70 -18.12
C LEU D 190 29.06 -7.79 -19.31
N PHE D 191 29.61 -6.58 -19.26
CA PHE D 191 29.27 -5.52 -20.21
C PHE D 191 30.45 -5.10 -21.08
N ASP D 192 30.14 -4.56 -22.27
CA ASP D 192 31.17 -3.94 -23.10
C ASP D 192 31.39 -2.49 -22.65
N ASP D 193 32.16 -1.74 -23.43
CA ASP D 193 32.50 -0.37 -23.06
C ASP D 193 31.32 0.58 -23.21
N LYS D 194 30.27 0.14 -23.88
CA LYS D 194 29.05 0.93 -24.05
C LYS D 194 27.92 0.43 -23.14
N GLY D 195 28.24 -0.50 -22.24
CA GLY D 195 27.30 -0.95 -21.23
C GLY D 195 26.31 -2.02 -21.68
N LYS D 196 26.54 -2.60 -22.85
CA LYS D 196 25.70 -3.67 -23.36
C LYS D 196 26.21 -5.03 -22.90
N PHE D 197 25.30 -5.89 -22.46
CA PHE D 197 25.65 -7.24 -22.04
C PHE D 197 26.41 -7.95 -23.16
N ALA D 198 27.54 -8.56 -22.82
CA ALA D 198 28.49 -9.02 -23.83
C ALA D 198 29.00 -10.45 -23.61
N MET D 199 28.58 -11.11 -22.54
CA MET D 199 29.04 -12.47 -22.28
C MET D 199 28.51 -13.44 -23.34
N ARG D 200 29.38 -14.37 -23.76
CA ARG D 200 29.02 -15.39 -24.74
C ARG D 200 29.60 -16.74 -24.33
N LEU D 201 28.78 -17.78 -24.42
CA LEU D 201 29.27 -19.16 -24.30
C LEU D 201 29.73 -19.64 -25.67
N VAL D 202 31.03 -19.89 -25.81
CA VAL D 202 31.62 -20.18 -27.11
C VAL D 202 32.30 -21.54 -27.20
N LYS D 203 32.30 -22.10 -28.40
CA LYS D 203 33.03 -23.32 -28.69
C LYS D 203 34.37 -22.97 -29.32
N GLY D 204 35.35 -23.86 -29.15
CA GLY D 204 36.66 -23.69 -29.78
C GLY D 204 37.75 -23.34 -28.79
N GLY D 205 37.39 -23.23 -27.51
CA GLY D 205 38.33 -22.86 -26.48
C GLY D 205 38.35 -21.36 -26.25
N VAL D 206 38.52 -20.96 -25.00
CA VAL D 206 38.54 -19.55 -24.63
C VAL D 206 39.90 -19.18 -24.05
N LYS D 207 40.43 -18.06 -24.53
CA LYS D 207 41.74 -17.57 -24.10
C LYS D 207 41.61 -16.73 -22.83
N GLU D 208 42.70 -16.61 -22.09
CA GLU D 208 42.69 -15.88 -20.84
C GLU D 208 42.33 -14.41 -21.04
N GLY D 209 42.69 -13.88 -22.20
CA GLY D 209 42.45 -12.48 -22.51
C GLY D 209 41.04 -12.20 -22.99
N ASP D 210 40.29 -13.27 -23.24
CA ASP D 210 38.91 -13.13 -23.71
C ASP D 210 37.95 -12.99 -22.52
N ILE D 211 37.68 -11.75 -22.13
CA ILE D 211 36.96 -11.49 -20.88
C ILE D 211 35.44 -11.51 -21.05
N HIS D 212 34.98 -11.74 -22.28
CA HIS D 212 33.54 -11.85 -22.56
C HIS D 212 33.15 -13.27 -22.94
N GLY D 213 34.11 -14.19 -22.88
CA GLY D 213 33.89 -15.56 -23.30
C GLY D 213 34.01 -16.58 -22.18
N VAL D 214 33.12 -17.57 -22.21
CA VAL D 214 33.19 -18.73 -21.33
C VAL D 214 32.99 -19.98 -22.17
N ASP D 215 33.66 -21.07 -21.80
CA ASP D 215 33.60 -22.30 -22.58
C ASP D 215 32.21 -22.93 -22.55
N ALA D 216 31.68 -23.21 -23.73
CA ALA D 216 30.46 -24.00 -23.86
C ALA D 216 30.80 -25.46 -23.59
N VAL D 217 29.81 -26.21 -23.11
CA VAL D 217 29.99 -27.63 -22.86
C VAL D 217 29.43 -28.43 -24.05
N SER D 218 30.32 -29.17 -24.71
CA SER D 218 29.95 -29.96 -25.86
C SER D 218 28.87 -30.99 -25.52
N GLY D 219 27.81 -31.02 -26.33
CA GLY D 219 26.71 -31.94 -26.12
C GLY D 219 25.71 -31.42 -25.11
N ALA D 220 25.97 -30.24 -24.57
CA ALA D 220 25.07 -29.59 -23.62
C ALA D 220 24.94 -28.11 -23.96
N THR D 221 24.78 -27.83 -25.25
CA THR D 221 24.74 -26.46 -25.75
C THR D 221 23.43 -25.76 -25.38
N MET D 222 22.35 -26.53 -25.27
CA MET D 222 21.03 -25.97 -25.01
C MET D 222 20.96 -25.41 -23.59
N THR D 223 21.50 -26.15 -22.62
CA THR D 223 21.54 -25.67 -21.24
C THR D 223 22.38 -24.39 -21.17
N GLY D 224 23.53 -24.41 -21.83
CA GLY D 224 24.42 -23.26 -21.85
C GLY D 224 23.76 -22.01 -22.42
N ARG D 225 23.06 -22.19 -23.53
CA ARG D 225 22.35 -21.09 -24.18
C ARG D 225 21.33 -20.49 -23.24
N GLY D 226 20.70 -21.34 -22.44
CA GLY D 226 19.70 -20.90 -21.46
C GLY D 226 20.32 -20.03 -20.39
N VAL D 227 21.46 -20.46 -19.87
CA VAL D 227 22.19 -19.69 -18.87
C VAL D 227 22.59 -18.33 -19.44
N GLN D 228 23.10 -18.33 -20.66
CA GLN D 228 23.50 -17.10 -21.32
C GLN D 228 22.31 -16.17 -21.48
N ARG D 229 21.19 -16.72 -21.92
CA ARG D 229 19.97 -15.93 -22.10
C ARG D 229 19.43 -15.47 -20.75
N ALA D 230 19.67 -16.26 -19.71
CA ALA D 230 19.22 -15.92 -18.37
C ALA D 230 19.97 -14.70 -17.84
N MET D 231 21.28 -14.64 -18.12
CA MET D 231 22.08 -13.50 -17.71
C MET D 231 21.83 -12.30 -18.62
N GLU D 232 21.57 -12.57 -19.89
CA GLU D 232 21.28 -11.52 -20.85
C GLU D 232 20.07 -10.71 -20.41
N PHE D 233 19.09 -11.40 -19.82
CA PHE D 233 17.88 -10.74 -19.35
C PHE D 233 18.10 -10.01 -18.04
N TRP D 234 18.72 -10.69 -17.08
CA TRP D 234 18.83 -10.14 -15.72
C TRP D 234 19.90 -9.08 -15.60
N PHE D 235 20.77 -8.99 -16.61
CA PHE D 235 21.73 -7.88 -16.68
C PHE D 235 21.41 -6.99 -17.87
N GLY D 236 20.15 -7.06 -18.32
CA GLY D 236 19.65 -6.18 -19.36
C GLY D 236 18.90 -5.01 -18.76
N VAL D 237 18.07 -4.36 -19.56
CA VAL D 237 17.35 -3.17 -19.09
C VAL D 237 16.17 -3.53 -18.19
N GLU D 238 15.69 -4.77 -18.29
CA GLU D 238 14.59 -5.24 -17.44
C GLU D 238 15.12 -6.02 -16.25
N GLY D 239 16.43 -5.98 -16.03
CA GLY D 239 17.08 -6.70 -14.95
C GLY D 239 17.65 -5.76 -13.90
N PHE D 240 18.94 -5.90 -13.63
CA PHE D 240 19.60 -5.14 -12.56
C PHE D 240 20.33 -3.91 -13.08
N GLN D 241 20.01 -3.49 -14.30
CA GLN D 241 20.67 -2.33 -14.90
C GLN D 241 20.38 -1.06 -14.12
N THR D 242 19.10 -0.80 -13.87
CA THR D 242 18.69 0.38 -13.11
C THR D 242 19.29 0.34 -11.71
N PHE D 243 19.25 -0.83 -11.08
CA PHE D 243 19.77 -0.99 -9.72
C PHE D 243 21.25 -0.67 -9.66
N PHE D 244 22.02 -1.15 -10.63
CA PHE D 244 23.44 -0.85 -10.67
C PHE D 244 23.66 0.63 -10.96
N ASN D 245 22.78 1.23 -11.75
CA ASN D 245 22.88 2.65 -12.06
C ASN D 245 22.70 3.52 -10.81
N GLN D 246 21.86 3.07 -9.89
CA GLN D 246 21.64 3.79 -8.64
C GLN D 246 22.87 3.70 -7.74
N LEU D 247 23.44 2.51 -7.64
CA LEU D 247 24.60 2.29 -6.78
C LEU D 247 25.79 3.11 -7.27
N LYS D 248 25.90 3.28 -8.58
CA LYS D 248 26.95 4.14 -9.14
C LYS D 248 26.68 5.58 -8.76
N ALA D 249 25.42 5.99 -8.84
CA ALA D 249 25.03 7.35 -8.52
C ALA D 249 25.24 7.66 -7.04
N SER D 250 24.90 6.69 -6.19
CA SER D 250 25.04 6.86 -4.75
C SER D 250 26.47 7.21 -4.35
N ALA D 251 27.43 6.72 -5.13
CA ALA D 251 28.84 7.00 -4.89
C ALA D 251 29.47 7.71 -6.08
#